data_2VVQ
#
_entry.id   2VVQ
#
_cell.length_a   136.369
_cell.length_b   102.119
_cell.length_c   69.604
_cell.angle_alpha   90.00
_cell.angle_beta   96.18
_cell.angle_gamma   90.00
#
_symmetry.space_group_name_H-M   'C 1 2 1'
#
loop_
_entity.id
_entity.type
_entity.pdbx_description
1 polymer 'RIBOSE-5-PHOSPHATE ISOMERASE B'
2 non-polymer '5-O-phosphono-D-ribonic acid'
3 non-polymer 'SULFATE ION'
4 water water
#
_entity_poly.entity_id   1
_entity_poly.type   'polypeptide(L)'
_entity_poly.pdbx_seq_one_letter_code
;MSGMRVYLGADHAGYELKQRIIEHLKQTGHEPIDCGALRYDADDDYPAFCIAAATRTVADPGSLGIVLGGSGNGEQIAAN
KVPGARCALAWSVQTAALAREHNNAQLIGIGGRMHTVAEALAIVDAFVTTPWSKAQRHQRRIDILAEYERTHEAPPVPGA
PA
;
_entity_poly.pdbx_strand_id   A,B,C,D,E
#
loop_
_chem_comp.id
_chem_comp.type
_chem_comp.name
_chem_comp.formula
R10 non-polymer '5-O-phosphono-D-ribonic acid' 'C5 H11 O9 P'
SO4 non-polymer 'SULFATE ION' 'O4 S -2'
#
# COMPACT_ATOMS: atom_id res chain seq x y z
N GLY A 3 1.00 -29.86 32.50
CA GLY A 3 0.76 -28.72 31.55
C GLY A 3 -0.13 -29.20 30.42
N MET A 4 -0.67 -28.30 29.60
CA MET A 4 -0.25 -26.89 29.45
C MET A 4 -1.29 -26.06 28.65
N ARG A 5 -1.19 -24.74 28.71
CA ARG A 5 -2.07 -23.86 27.92
C ARG A 5 -1.56 -23.77 26.48
N VAL A 6 -2.48 -23.99 25.52
CA VAL A 6 -2.18 -23.92 24.09
C VAL A 6 -3.17 -22.97 23.41
N TYR A 7 -2.64 -21.90 22.84
CA TYR A 7 -3.45 -20.89 22.16
C TYR A 7 -3.67 -21.31 20.72
N LEU A 8 -4.92 -21.38 20.29
CA LEU A 8 -5.24 -21.74 18.92
C LEU A 8 -5.89 -20.58 18.21
N GLY A 9 -5.42 -20.35 16.98
CA GLY A 9 -6.00 -19.40 16.04
C GLY A 9 -6.12 -20.05 14.67
N ALA A 10 -7.21 -19.78 13.98
CA ALA A 10 -7.39 -20.29 12.61
C ALA A 10 -8.33 -19.39 11.81
N ASP A 11 -8.14 -19.38 10.50
CA ASP A 11 -9.17 -18.83 9.61
C ASP A 11 -10.12 -19.95 9.24
N HIS A 12 -11.06 -19.68 8.37
CA HIS A 12 -12.06 -20.65 7.93
C HIS A 12 -11.45 -21.90 7.32
N ALA A 13 -10.29 -21.76 6.66
CA ALA A 13 -9.63 -22.85 5.98
C ALA A 13 -9.00 -23.84 6.96
N GLY A 14 -8.69 -23.38 8.17
CA GLY A 14 -8.15 -24.26 9.23
C GLY A 14 -9.11 -24.48 10.38
N TYR A 15 -10.34 -23.97 10.25
CA TYR A 15 -11.37 -23.97 11.30
C TYR A 15 -11.77 -25.37 11.81
N GLU A 16 -12.14 -26.26 10.89
CA GLU A 16 -12.59 -27.60 11.27
C GLU A 16 -11.44 -28.38 11.90
N LEU A 17 -10.22 -28.27 11.36
CA LEU A 17 -9.06 -28.90 11.98
C LEU A 17 -8.78 -28.31 13.37
N LYS A 18 -8.86 -26.99 13.52
CA LYS A 18 -8.72 -26.35 14.83
C LYS A 18 -9.69 -26.95 15.88
N GLN A 19 -10.97 -27.12 15.53
CA GLN A 19 -11.91 -27.65 16.52
C GLN A 19 -11.54 -29.09 16.91
N ARG A 20 -11.03 -29.84 15.94
CA ARG A 20 -10.59 -31.23 16.16
C ARG A 20 -9.36 -31.28 17.07
N ILE A 21 -8.43 -30.35 16.86
CA ILE A 21 -7.24 -30.25 17.65
C ILE A 21 -7.55 -29.86 19.09
N ILE A 22 -8.49 -28.93 19.26
CA ILE A 22 -8.93 -28.51 20.62
C ILE A 22 -9.45 -29.71 21.42
N GLU A 23 -10.32 -30.48 20.77
CA GLU A 23 -10.89 -31.68 21.40
C GLU A 23 -9.78 -32.67 21.76
N HIS A 24 -8.86 -32.90 20.82
CA HIS A 24 -7.72 -33.77 21.05
C HIS A 24 -6.83 -33.31 22.23
N LEU A 25 -6.59 -32.00 22.32
CA LEU A 25 -5.74 -31.44 23.39
C LEU A 25 -6.42 -31.55 24.75
N LYS A 26 -7.74 -31.39 24.80
CA LYS A 26 -8.49 -31.62 26.04
C LYS A 26 -8.29 -33.07 26.52
N GLN A 27 -8.55 -34.02 25.62
CA GLN A 27 -8.36 -35.45 25.85
C GLN A 27 -6.94 -35.84 26.24
N THR A 28 -5.93 -35.10 25.77
CA THR A 28 -4.54 -35.38 26.16
C THR A 28 -4.05 -34.56 27.36
N GLY A 29 -4.96 -33.90 28.07
CA GLY A 29 -4.65 -33.24 29.33
C GLY A 29 -4.14 -31.80 29.25
N HIS A 30 -4.36 -31.15 28.12
CA HIS A 30 -3.93 -29.76 27.93
C HIS A 30 -5.11 -28.81 28.04
N GLU A 31 -4.80 -27.51 28.11
CA GLU A 31 -5.82 -26.48 28.19
C GLU A 31 -5.81 -25.65 26.91
N PRO A 32 -6.57 -26.09 25.90
CA PRO A 32 -6.62 -25.30 24.67
C PRO A 32 -7.42 -24.02 24.88
N ILE A 33 -6.91 -22.91 24.34
CA ILE A 33 -7.58 -21.64 24.43
C ILE A 33 -7.83 -21.13 23.02
N ASP A 34 -9.10 -20.99 22.67
CA ASP A 34 -9.49 -20.69 21.30
C ASP A 34 -9.49 -19.18 21.08
N CYS A 35 -8.56 -18.71 20.26
CA CYS A 35 -8.50 -17.28 19.93
C CYS A 35 -9.43 -16.91 18.77
N GLY A 36 -10.06 -17.90 18.15
CA GLY A 36 -10.90 -17.70 16.97
C GLY A 36 -10.22 -18.19 15.69
N ALA A 37 -10.94 -18.34 14.58
CA ALA A 37 -12.37 -18.08 14.46
C ALA A 37 -13.20 -19.04 15.30
N LEU A 38 -14.20 -18.49 15.97
CA LEU A 38 -15.10 -19.28 16.82
C LEU A 38 -16.21 -20.03 16.04
N ARG A 39 -16.47 -19.58 14.82
CA ARG A 39 -17.43 -20.22 13.92
C ARG A 39 -16.82 -20.22 12.53
N TYR A 40 -17.35 -21.05 11.63
CA TYR A 40 -16.97 -21.03 10.22
C TYR A 40 -17.51 -19.78 9.54
N ASP A 41 -16.61 -18.96 9.03
CA ASP A 41 -16.95 -17.82 8.17
C ASP A 41 -16.01 -17.92 6.98
N ALA A 42 -16.58 -18.34 5.85
CA ALA A 42 -15.87 -18.61 4.60
C ALA A 42 -14.99 -17.45 4.16
N ASP A 43 -15.37 -16.23 4.55
CA ASP A 43 -14.67 -15.05 4.09
C ASP A 43 -13.66 -14.46 5.05
N ASP A 44 -13.50 -15.06 6.22
CA ASP A 44 -12.69 -14.44 7.24
C ASP A 44 -11.20 -14.46 6.96
N ASP A 45 -10.52 -13.56 7.68
CA ASP A 45 -9.18 -13.13 7.38
C ASP A 45 -8.21 -13.58 8.47
N TYR A 46 -7.19 -14.35 8.09
CA TYR A 46 -6.32 -15.00 9.07
C TYR A 46 -5.49 -14.09 10.03
N PRO A 47 -4.97 -12.93 9.55
CA PRO A 47 -4.04 -12.21 10.47
C PRO A 47 -4.48 -11.97 11.91
N ALA A 48 -5.66 -11.42 12.14
CA ALA A 48 -6.09 -11.08 13.51
C ALA A 48 -6.02 -12.26 14.49
N PHE A 49 -6.45 -13.43 14.03
CA PHE A 49 -6.49 -14.64 14.86
C PHE A 49 -5.10 -15.12 15.22
N CYS A 50 -4.18 -15.01 14.26
CA CYS A 50 -2.82 -15.48 14.41
C CYS A 50 -1.98 -14.53 15.24
N ILE A 51 -2.11 -13.22 14.98
CA ILE A 51 -1.49 -12.22 15.84
C ILE A 51 -1.98 -12.36 17.29
N ALA A 52 -3.28 -12.64 17.47
CA ALA A 52 -3.85 -12.83 18.81
C ALA A 52 -3.20 -14.02 19.51
N ALA A 53 -3.18 -15.14 18.80
CA ALA A 53 -2.58 -16.39 19.31
C ALA A 53 -1.10 -16.22 19.65
N ALA A 54 -0.34 -15.61 18.76
CA ALA A 54 1.09 -15.41 18.96
C ALA A 54 1.40 -14.45 20.10
N THR A 55 0.66 -13.33 20.18
CA THR A 55 0.84 -12.34 21.27
C THR A 55 0.56 -12.98 22.64
N ARG A 56 -0.53 -13.73 22.74
CA ARG A 56 -0.93 -14.38 23.98
C ARG A 56 0.07 -15.48 24.40
N THR A 57 0.59 -16.23 23.41
CA THR A 57 1.58 -17.28 23.64
C THR A 57 2.90 -16.70 24.14
N VAL A 58 3.39 -15.66 23.47
CA VAL A 58 4.66 -15.04 23.87
C VAL A 58 4.55 -14.42 25.27
N ALA A 59 3.39 -13.86 25.58
CA ALA A 59 3.13 -13.23 26.89
C ALA A 59 2.92 -14.22 28.05
N ASP A 60 2.66 -15.49 27.74
CA ASP A 60 2.26 -16.49 28.73
C ASP A 60 3.37 -17.53 28.86
N PRO A 61 4.20 -17.39 29.92
CA PRO A 61 5.36 -18.28 30.08
C PRO A 61 4.97 -19.74 30.17
N GLY A 62 5.65 -20.57 29.39
CA GLY A 62 5.39 -22.00 29.35
C GLY A 62 4.23 -22.46 28.48
N SER A 63 3.56 -21.54 27.78
CA SER A 63 2.47 -21.87 26.89
C SER A 63 2.99 -22.14 25.47
N LEU A 64 2.14 -22.77 24.67
CA LEU A 64 2.45 -22.95 23.24
C LEU A 64 1.25 -22.45 22.44
N GLY A 65 1.44 -22.36 21.13
CA GLY A 65 0.41 -21.85 20.25
C GLY A 65 0.37 -22.62 18.94
N ILE A 66 -0.82 -22.72 18.36
CA ILE A 66 -0.98 -23.41 17.07
C ILE A 66 -1.91 -22.61 16.19
N VAL A 67 -1.42 -22.27 15.00
CA VAL A 67 -2.20 -21.45 14.08
C VAL A 67 -2.45 -22.22 12.80
N LEU A 68 -3.69 -22.18 12.32
CA LEU A 68 -4.10 -22.96 11.14
C LEU A 68 -4.78 -22.19 10.01
N GLY A 69 -4.43 -22.58 8.78
CA GLY A 69 -5.06 -22.08 7.55
C GLY A 69 -5.08 -23.22 6.54
N GLY A 70 -5.17 -22.88 5.26
CA GLY A 70 -5.12 -23.88 4.18
C GLY A 70 -3.81 -24.63 4.16
N SER A 71 -2.73 -23.87 3.93
CA SER A 71 -1.35 -24.36 4.01
C SER A 71 -0.71 -24.12 5.40
N GLY A 72 -1.23 -23.14 6.15
CA GLY A 72 -0.58 -22.71 7.38
C GLY A 72 0.43 -21.60 7.17
N ASN A 73 0.73 -21.25 5.92
CA ASN A 73 1.80 -20.31 5.66
C ASN A 73 1.47 -18.82 5.96
N GLY A 74 0.31 -18.34 5.54
CA GLY A 74 -0.08 -16.98 5.93
C GLY A 74 -0.13 -16.81 7.45
N GLU A 75 -0.46 -17.90 8.15
CA GLU A 75 -0.65 -17.92 9.59
C GLU A 75 0.64 -17.85 10.40
N GLN A 76 1.65 -18.62 9.97
CA GLN A 76 3.00 -18.51 10.55
C GLN A 76 3.66 -17.18 10.20
N ILE A 77 3.41 -16.66 9.00
CA ILE A 77 3.91 -15.33 8.63
C ILE A 77 3.35 -14.26 9.59
N ALA A 78 2.02 -14.26 9.79
CA ALA A 78 1.37 -13.32 10.70
C ALA A 78 1.89 -13.50 12.12
N ALA A 79 1.98 -14.75 12.59
CA ALA A 79 2.47 -15.00 13.94
C ALA A 79 3.91 -14.50 14.12
N ASN A 80 4.74 -14.66 13.10
CA ASN A 80 6.14 -14.22 13.16
C ASN A 80 6.35 -12.69 13.15
N LYS A 81 5.35 -11.95 12.75
CA LYS A 81 5.41 -10.50 12.89
C LYS A 81 5.25 -10.02 14.35
N VAL A 82 4.77 -10.88 15.25
CA VAL A 82 4.62 -10.54 16.66
C VAL A 82 6.03 -10.56 17.31
N PRO A 83 6.41 -9.43 17.96
CA PRO A 83 7.73 -9.41 18.62
C PRO A 83 7.92 -10.56 19.61
N GLY A 84 9.07 -11.22 19.52
CA GLY A 84 9.39 -12.35 20.38
C GLY A 84 8.84 -13.70 19.94
N ALA A 85 7.92 -13.71 18.96
CA ALA A 85 7.35 -14.98 18.50
C ALA A 85 8.27 -15.69 17.49
N ARG A 86 8.32 -17.02 17.60
CA ARG A 86 9.00 -17.87 16.64
C ARG A 86 7.99 -18.94 16.25
N CYS A 87 7.46 -18.81 15.03
CA CYS A 87 6.45 -19.74 14.53
C CYS A 87 6.96 -20.51 13.31
N ALA A 88 7.20 -21.80 13.53
CA ALA A 88 7.58 -22.70 12.46
C ALA A 88 6.34 -23.18 11.71
N LEU A 89 6.55 -23.68 10.50
CA LEU A 89 5.51 -24.42 9.79
C LEU A 89 5.78 -25.92 10.00
N ALA A 90 4.86 -26.61 10.65
CA ALA A 90 5.01 -28.04 10.92
C ALA A 90 4.16 -28.79 9.90
N TRP A 91 4.82 -29.58 9.07
CA TRP A 91 4.16 -30.42 8.07
C TRP A 91 4.44 -31.91 8.26
N SER A 92 5.12 -32.23 9.35
CA SER A 92 5.42 -33.61 9.71
C SER A 92 5.80 -33.68 11.17
N VAL A 93 5.88 -34.91 11.69
CA VAL A 93 6.27 -35.12 13.09
C VAL A 93 7.71 -34.61 13.34
N GLN A 94 8.59 -34.87 12.38
CA GLN A 94 9.96 -34.43 12.45
C GLN A 94 10.07 -32.91 12.54
N THR A 95 9.32 -32.20 11.70
CA THR A 95 9.44 -30.76 11.65
C THR A 95 8.81 -30.12 12.87
N ALA A 96 7.74 -30.70 13.39
CA ALA A 96 7.16 -30.27 14.68
C ALA A 96 8.17 -30.41 15.83
N ALA A 97 8.85 -31.56 15.85
CA ALA A 97 9.86 -31.85 16.88
C ALA A 97 11.09 -30.92 16.80
N LEU A 98 11.65 -30.77 15.61
CA LEU A 98 12.79 -29.89 15.40
C LEU A 98 12.48 -28.41 15.71
N ALA A 99 11.26 -28.00 15.41
CA ALA A 99 10.76 -26.64 15.73
C ALA A 99 10.97 -26.32 17.20
N ARG A 100 10.56 -27.25 18.05
CA ARG A 100 10.78 -27.13 19.49
C ARG A 100 12.25 -27.28 19.84
N GLU A 101 12.88 -28.34 19.33
CA GLU A 101 14.23 -28.75 19.77
C GLU A 101 15.33 -27.76 19.40
N HIS A 102 15.27 -27.27 18.16
CA HIS A 102 16.29 -26.38 17.60
C HIS A 102 15.87 -24.92 17.64
N ASN A 103 14.62 -24.61 17.27
CA ASN A 103 14.18 -23.20 17.12
C ASN A 103 13.44 -22.66 18.35
N ASN A 104 13.20 -23.52 19.33
CA ASN A 104 12.39 -23.17 20.47
C ASN A 104 11.11 -22.43 20.03
N ALA A 105 10.45 -22.91 18.98
CA ALA A 105 9.26 -22.22 18.45
C ALA A 105 8.15 -22.38 19.49
N GLN A 106 7.55 -21.27 19.92
CA GLN A 106 6.41 -21.33 20.82
C GLN A 106 5.14 -21.64 20.04
N LEU A 107 5.18 -21.40 18.72
CA LEU A 107 4.06 -21.70 17.83
C LEU A 107 4.45 -22.54 16.61
N ILE A 108 3.47 -23.28 16.11
CA ILE A 108 3.55 -23.85 14.76
C ILE A 108 2.32 -23.47 13.96
N GLY A 109 2.51 -23.36 12.65
CA GLY A 109 1.42 -23.31 11.71
C GLY A 109 1.22 -24.70 11.16
N ILE A 110 -0.05 -25.06 10.95
CA ILE A 110 -0.43 -26.30 10.29
C ILE A 110 -1.44 -25.97 9.18
N GLY A 111 -1.27 -26.62 8.02
CA GLY A 111 -2.24 -26.53 6.93
C GLY A 111 -3.39 -27.53 7.04
N GLY A 112 -4.60 -27.02 7.21
CA GLY A 112 -5.81 -27.84 7.27
C GLY A 112 -6.10 -28.60 5.98
N ARG A 113 -5.55 -28.13 4.86
CA ARG A 113 -5.80 -28.75 3.56
C ARG A 113 -4.75 -29.78 3.18
N MET A 114 -3.75 -29.98 4.04
CA MET A 114 -2.50 -30.66 3.67
C MET A 114 -2.33 -32.04 4.28
N HIS A 115 -3.14 -32.38 5.29
CA HIS A 115 -2.97 -33.61 6.06
C HIS A 115 -4.31 -34.29 6.30
N THR A 116 -4.27 -35.58 6.60
CA THR A 116 -5.42 -36.25 7.24
C THR A 116 -5.48 -35.73 8.69
N VAL A 117 -6.63 -35.89 9.36
CA VAL A 117 -6.72 -35.54 10.77
C VAL A 117 -5.67 -36.30 11.62
N ALA A 118 -5.55 -37.60 11.37
CA ALA A 118 -4.58 -38.43 12.04
C ALA A 118 -3.15 -37.88 11.86
N GLU A 119 -2.79 -37.47 10.65
CA GLU A 119 -1.47 -36.86 10.42
C GLU A 119 -1.32 -35.56 11.20
N ALA A 120 -2.33 -34.72 11.13
CA ALA A 120 -2.33 -33.44 11.82
C ALA A 120 -2.22 -33.61 13.35
N LEU A 121 -2.92 -34.59 13.92
CA LEU A 121 -2.86 -34.79 15.37
C LEU A 121 -1.50 -35.33 15.83
N ALA A 122 -0.88 -36.21 15.04
CA ALA A 122 0.51 -36.64 15.27
C ALA A 122 1.49 -35.47 15.29
N ILE A 123 1.33 -34.56 14.34
CA ILE A 123 2.09 -33.31 14.30
C ILE A 123 1.92 -32.52 15.62
N VAL A 124 0.67 -32.29 16.04
CA VAL A 124 0.35 -31.62 17.32
C VAL A 124 1.01 -32.33 18.49
N ASP A 125 0.93 -33.66 18.54
CA ASP A 125 1.51 -34.42 19.67
C ASP A 125 3.01 -34.20 19.76
N ALA A 126 3.67 -34.27 18.60
CA ALA A 126 5.11 -34.03 18.56
C ALA A 126 5.45 -32.64 19.07
N PHE A 127 4.67 -31.67 18.64
CA PHE A 127 4.88 -30.27 19.01
C PHE A 127 4.76 -30.06 20.52
N VAL A 128 3.69 -30.58 21.12
CA VAL A 128 3.46 -30.31 22.54
C VAL A 128 4.26 -31.20 23.50
N THR A 129 4.91 -32.24 22.99
CA THR A 129 5.66 -33.16 23.83
C THR A 129 7.16 -33.06 23.64
N THR A 130 7.62 -32.44 22.57
CA THR A 130 9.07 -32.34 22.30
C THR A 130 9.71 -31.17 23.06
N PRO A 131 10.72 -31.46 23.91
CA PRO A 131 11.34 -30.38 24.66
C PRO A 131 12.29 -29.51 23.82
N TRP A 132 12.34 -28.24 24.19
CA TRP A 132 13.39 -27.31 23.78
C TRP A 132 14.74 -27.83 24.29
N SER A 133 15.73 -27.94 23.41
CA SER A 133 17.02 -28.55 23.80
C SER A 133 17.79 -27.73 24.82
N LYS A 134 17.66 -26.40 24.73
CA LYS A 134 18.50 -25.43 25.44
C LYS A 134 19.97 -25.47 25.00
N ALA A 135 20.29 -26.10 23.88
CA ALA A 135 21.68 -26.20 23.44
C ALA A 135 22.20 -24.82 23.07
N GLN A 136 23.49 -24.63 23.33
CA GLN A 136 24.16 -23.35 23.15
C GLN A 136 23.98 -22.65 21.81
N ARG A 137 24.22 -23.38 20.73
CA ARG A 137 24.20 -22.80 19.38
C ARG A 137 22.78 -22.35 18.98
N HIS A 138 21.78 -23.09 19.44
CA HIS A 138 20.38 -22.75 19.15
C HIS A 138 19.98 -21.49 19.90
N GLN A 139 20.38 -21.41 21.16
CA GLN A 139 20.18 -20.21 21.99
C GLN A 139 20.92 -18.99 21.42
N ARG A 140 22.13 -19.20 20.92
CA ARG A 140 22.88 -18.14 20.31
C ARG A 140 22.13 -17.54 19.11
N ARG A 141 21.56 -18.40 18.28
CA ARG A 141 20.89 -18.00 17.06
C ARG A 141 19.59 -17.24 17.37
N ILE A 142 18.85 -17.74 18.35
CA ILE A 142 17.63 -17.10 18.83
C ILE A 142 17.93 -15.72 19.42
N ASP A 143 19.04 -15.63 20.15
CA ASP A 143 19.50 -14.34 20.70
C ASP A 143 19.83 -13.32 19.62
N ILE A 144 20.53 -13.77 18.57
CA ILE A 144 20.86 -12.91 17.43
C ILE A 144 19.58 -12.36 16.79
N LEU A 145 18.59 -13.23 16.63
CA LEU A 145 17.32 -12.83 16.04
C LEU A 145 16.57 -11.85 16.95
N ALA A 146 16.60 -12.11 18.25
CA ALA A 146 15.95 -11.24 19.24
C ALA A 146 16.59 -9.85 19.25
N GLU A 147 17.90 -9.78 19.07
CA GLU A 147 18.60 -8.50 18.99
C GLU A 147 18.23 -7.72 17.71
N TYR A 148 18.08 -8.41 16.59
CA TYR A 148 17.58 -7.77 15.37
C TYR A 148 16.16 -7.24 15.54
N GLU A 149 15.32 -8.00 16.20
CA GLU A 149 13.97 -7.53 16.51
C GLU A 149 13.99 -6.25 17.33
N ARG A 150 15.00 -6.15 18.19
CA ARG A 150 15.10 -5.03 19.12
C ARG A 150 15.59 -3.77 18.43
N THR A 151 16.55 -3.90 17.51
CA THR A 151 17.24 -2.74 16.94
C THR A 151 17.02 -2.52 15.44
N HIS A 152 16.59 -3.57 14.74
CA HIS A 152 16.62 -3.66 13.28
C HIS A 152 17.98 -3.39 12.64
N GLU A 153 19.05 -3.56 13.42
CA GLU A 153 20.41 -3.52 12.88
C GLU A 153 20.73 -4.91 12.34
N ALA A 154 20.84 -5.05 11.02
CA ALA A 154 21.07 -6.37 10.42
C ALA A 154 22.41 -6.88 10.92
N PRO A 155 22.44 -8.09 11.51
CA PRO A 155 23.73 -8.62 11.97
C PRO A 155 24.71 -8.83 10.80
N PRO A 156 26.01 -8.65 11.05
CA PRO A 156 26.91 -8.73 9.89
C PRO A 156 27.07 -10.17 9.36
N VAL A 157 27.19 -10.27 8.05
CA VAL A 157 27.46 -11.54 7.39
C VAL A 157 28.99 -11.77 7.45
N PRO A 158 29.42 -13.02 7.74
CA PRO A 158 30.88 -13.34 7.71
C PRO A 158 31.62 -12.97 6.40
N GLY A 159 32.71 -12.20 6.54
N GLY B 3 12.05 -14.59 -16.14
CA GLY B 3 13.42 -14.20 -15.64
C GLY B 3 13.36 -13.47 -14.30
N MET B 4 13.61 -14.17 -13.19
CA MET B 4 13.52 -13.57 -11.84
C MET B 4 14.90 -13.36 -11.23
N ARG B 5 15.06 -12.24 -10.50
CA ARG B 5 16.18 -12.06 -9.62
C ARG B 5 15.85 -12.75 -8.31
N VAL B 6 16.77 -13.57 -7.82
CA VAL B 6 16.54 -14.33 -6.58
C VAL B 6 17.71 -14.17 -5.64
N TYR B 7 17.44 -13.61 -4.45
CA TYR B 7 18.41 -13.50 -3.38
C TYR B 7 18.41 -14.80 -2.53
N LEU B 8 19.57 -15.43 -2.37
CA LEU B 8 19.65 -16.68 -1.57
C LEU B 8 20.47 -16.51 -0.32
N GLY B 9 20.00 -17.11 0.79
CA GLY B 9 20.73 -17.14 2.02
C GLY B 9 20.64 -18.53 2.62
N ALA B 10 21.71 -19.00 3.24
CA ALA B 10 21.68 -20.32 3.93
C ALA B 10 22.71 -20.38 5.05
N ASP B 11 22.39 -21.14 6.09
CA ASP B 11 23.43 -21.62 7.00
C ASP B 11 24.09 -22.87 6.39
N HIS B 12 24.99 -23.48 7.17
CA HIS B 12 25.72 -24.68 6.77
C HIS B 12 24.81 -25.86 6.41
N ALA B 13 23.66 -25.95 7.09
CA ALA B 13 22.72 -27.05 6.89
C ALA B 13 21.95 -26.91 5.57
N GLY B 14 21.89 -25.70 5.02
CA GLY B 14 21.27 -25.50 3.74
C GLY B 14 22.25 -25.13 2.65
N TYR B 15 23.55 -25.11 3.00
CA TYR B 15 24.59 -24.58 2.09
C TYR B 15 24.71 -25.35 0.78
N GLU B 16 24.72 -26.67 0.88
CA GLU B 16 24.97 -27.51 -0.29
C GLU B 16 23.78 -27.40 -1.25
N LEU B 17 22.57 -27.43 -0.71
CA LEU B 17 21.39 -27.24 -1.54
C LEU B 17 21.35 -25.83 -2.16
N LYS B 18 21.67 -24.80 -1.37
CA LYS B 18 21.75 -23.44 -1.94
C LYS B 18 22.61 -23.36 -3.21
N GLN B 19 23.79 -23.97 -3.16
CA GLN B 19 24.72 -23.89 -4.29
C GLN B 19 24.15 -24.59 -5.53
N ARG B 20 23.45 -25.69 -5.29
CA ARG B 20 22.76 -26.46 -6.33
C ARG B 20 21.61 -25.67 -6.91
N ILE B 21 20.91 -24.94 -6.04
CA ILE B 21 19.79 -24.09 -6.48
C ILE B 21 20.31 -22.92 -7.32
N ILE B 22 21.43 -22.34 -6.87
CA ILE B 22 22.04 -21.24 -7.63
C ILE B 22 22.34 -21.68 -9.06
N GLU B 23 22.90 -22.87 -9.20
CA GLU B 23 23.26 -23.38 -10.52
C GLU B 23 22.00 -23.63 -11.33
N HIS B 24 21.01 -24.28 -10.72
CA HIS B 24 19.73 -24.52 -11.40
C HIS B 24 19.05 -23.23 -11.88
N LEU B 25 19.05 -22.21 -11.01
CA LEU B 25 18.44 -20.92 -11.36
C LEU B 25 19.16 -20.28 -12.56
N LYS B 26 20.48 -20.33 -12.57
CA LYS B 26 21.25 -19.87 -13.73
C LYS B 26 20.84 -20.63 -15.00
N GLN B 27 20.77 -21.95 -14.91
CA GLN B 27 20.35 -22.82 -16.03
C GLN B 27 18.97 -22.55 -16.59
N THR B 28 18.05 -22.11 -15.74
CA THR B 28 16.67 -21.94 -16.14
C THR B 28 16.31 -20.47 -16.40
N GLY B 29 17.34 -19.63 -16.56
CA GLY B 29 17.17 -18.25 -17.04
C GLY B 29 16.99 -17.17 -15.98
N HIS B 30 17.31 -17.47 -14.72
CA HIS B 30 17.07 -16.52 -13.63
C HIS B 30 18.38 -15.94 -13.15
N GLU B 31 18.30 -14.99 -12.21
CA GLU B 31 19.50 -14.30 -11.73
C GLU B 31 19.67 -14.47 -10.23
N PRO B 32 20.39 -15.54 -9.82
CA PRO B 32 20.61 -15.73 -8.39
C PRO B 32 21.71 -14.83 -7.82
N ILE B 33 21.47 -14.29 -6.63
CA ILE B 33 22.43 -13.48 -5.92
C ILE B 33 22.66 -14.13 -4.56
N ASP B 34 23.89 -14.57 -4.33
CA ASP B 34 24.24 -15.28 -3.13
C ASP B 34 24.56 -14.33 -1.99
N CYS B 35 23.73 -14.37 -0.95
CA CYS B 35 23.93 -13.60 0.27
C CYS B 35 24.80 -14.32 1.31
N GLY B 36 25.25 -15.53 0.99
CA GLY B 36 25.98 -16.38 1.95
C GLY B 36 25.04 -17.39 2.61
N ALA B 37 25.56 -18.43 3.28
CA ALA B 37 26.99 -18.63 3.51
C ALA B 37 27.74 -18.93 2.23
N LEU B 38 28.96 -18.41 2.14
CA LEU B 38 29.78 -18.52 0.93
C LEU B 38 30.67 -19.78 0.92
N ARG B 39 30.84 -20.40 2.09
CA ARG B 39 31.43 -21.73 2.18
C ARG B 39 30.75 -22.49 3.32
N TYR B 40 30.95 -23.81 3.37
CA TYR B 40 30.43 -24.63 4.47
C TYR B 40 31.18 -24.27 5.75
N ASP B 41 30.43 -23.83 6.77
CA ASP B 41 30.98 -23.66 8.13
C ASP B 41 30.01 -24.27 9.13
N ALA B 42 30.39 -25.43 9.64
CA ALA B 42 29.55 -26.28 10.50
C ALA B 42 28.85 -25.57 11.66
N ASP B 43 29.48 -24.51 12.15
CA ASP B 43 28.99 -23.81 13.32
C ASP B 43 28.25 -22.52 13.02
N ASP B 44 28.14 -22.13 11.74
CA ASP B 44 27.58 -20.80 11.42
C ASP B 44 26.10 -20.68 11.75
N ASP B 45 25.67 -19.42 11.83
CA ASP B 45 24.38 -19.08 12.44
C ASP B 45 23.46 -18.45 11.38
N TYR B 46 22.29 -19.07 11.19
CA TYR B 46 21.39 -18.70 10.08
C TYR B 46 20.90 -17.24 10.04
N PRO B 47 20.61 -16.60 11.18
CA PRO B 47 19.91 -15.31 11.07
C PRO B 47 20.48 -14.26 10.12
N ALA B 48 21.79 -13.97 10.21
CA ALA B 48 22.40 -12.93 9.38
C ALA B 48 22.16 -13.14 7.88
N PHE B 49 22.30 -14.39 7.43
CA PHE B 49 22.15 -14.69 6.00
C PHE B 49 20.70 -14.47 5.52
N CYS B 50 19.75 -14.84 6.37
CA CYS B 50 18.31 -14.77 6.09
C CYS B 50 17.79 -13.34 6.16
N ILE B 51 18.24 -12.60 7.17
CA ILE B 51 17.93 -11.16 7.26
C ILE B 51 18.50 -10.45 6.04
N ALA B 52 19.71 -10.81 5.63
CA ALA B 52 20.31 -10.20 4.48
C ALA B 52 19.49 -10.44 3.21
N ALA B 53 19.10 -11.71 2.97
CA ALA B 53 18.34 -12.04 1.76
C ALA B 53 16.98 -11.38 1.79
N ALA B 54 16.33 -11.41 2.95
CA ALA B 54 15.01 -10.84 3.09
C ALA B 54 15.03 -9.32 2.95
N THR B 55 15.98 -8.67 3.61
CA THR B 55 16.14 -7.20 3.51
C THR B 55 16.37 -6.77 2.05
N ARG B 56 17.25 -7.47 1.33
CA ARG B 56 17.55 -7.13 -0.04
C ARG B 56 16.37 -7.38 -0.95
N THR B 57 15.61 -8.41 -0.63
CA THR B 57 14.46 -8.80 -1.44
C THR B 57 13.40 -7.72 -1.35
N VAL B 58 13.06 -7.31 -0.12
CA VAL B 58 12.06 -6.25 0.09
C VAL B 58 12.49 -4.92 -0.57
N ALA B 59 13.80 -4.64 -0.56
CA ALA B 59 14.35 -3.38 -1.08
C ALA B 59 14.43 -3.36 -2.59
N ASP B 60 14.26 -4.53 -3.20
CA ASP B 60 14.39 -4.71 -4.64
C ASP B 60 13.07 -5.28 -5.20
N PRO B 61 12.09 -4.41 -5.44
CA PRO B 61 10.77 -4.97 -5.75
C PRO B 61 10.76 -5.75 -7.05
N GLY B 62 9.96 -6.81 -7.08
CA GLY B 62 9.92 -7.72 -8.20
C GLY B 62 10.85 -8.91 -7.97
N SER B 63 11.79 -8.76 -7.06
CA SER B 63 12.68 -9.85 -6.73
C SER B 63 12.00 -10.89 -5.84
N LEU B 64 12.63 -12.04 -5.76
CA LEU B 64 12.25 -13.09 -4.82
C LEU B 64 13.46 -13.52 -4.02
N GLY B 65 13.21 -14.32 -2.98
CA GLY B 65 14.26 -14.84 -2.14
C GLY B 65 14.03 -16.29 -1.74
N ILE B 66 15.14 -16.98 -1.45
CA ILE B 66 15.09 -18.37 -0.92
C ILE B 66 16.09 -18.47 0.19
N VAL B 67 15.63 -18.93 1.36
CA VAL B 67 16.48 -19.13 2.51
C VAL B 67 16.42 -20.60 2.93
N LEU B 68 17.58 -21.15 3.30
CA LEU B 68 17.75 -22.57 3.51
C LEU B 68 18.46 -22.88 4.83
N GLY B 69 17.98 -23.91 5.51
CA GLY B 69 18.63 -24.48 6.67
C GLY B 69 18.29 -25.95 6.68
N GLY B 70 18.34 -26.58 7.83
CA GLY B 70 18.00 -28.00 7.97
C GLY B 70 16.56 -28.30 7.59
N SER B 71 15.64 -27.71 8.33
CA SER B 71 14.21 -27.76 8.06
C SER B 71 13.74 -26.57 7.24
N GLY B 72 14.51 -25.48 7.29
CA GLY B 72 14.12 -24.22 6.67
C GLY B 72 13.34 -23.33 7.64
N ASN B 73 12.95 -23.85 8.81
CA ASN B 73 12.07 -23.07 9.71
C ASN B 73 12.74 -21.94 10.45
N GLY B 74 13.94 -22.15 10.96
CA GLY B 74 14.68 -21.04 11.58
C GLY B 74 14.83 -19.89 10.61
N GLU B 75 15.00 -20.25 9.34
CA GLU B 75 15.32 -19.32 8.27
C GLU B 75 14.13 -18.50 7.82
N GLN B 76 12.98 -19.14 7.68
CA GLN B 76 11.74 -18.38 7.40
C GLN B 76 11.36 -17.48 8.59
N ILE B 77 11.57 -17.97 9.81
CA ILE B 77 11.30 -17.18 11.02
C ILE B 77 12.12 -15.89 11.01
N ALA B 78 13.41 -16.04 10.73
CA ALA B 78 14.33 -14.90 10.67
C ALA B 78 13.97 -13.96 9.52
N ALA B 79 13.63 -14.51 8.35
CA ALA B 79 13.27 -13.65 7.23
C ALA B 79 11.99 -12.85 7.48
N ASN B 80 11.06 -13.50 8.16
CA ASN B 80 9.80 -12.88 8.54
C ASN B 80 9.87 -11.75 9.55
N LYS B 81 11.00 -11.62 10.25
CA LYS B 81 11.23 -10.48 11.14
C LYS B 81 11.61 -9.20 10.38
N VAL B 82 12.02 -9.34 9.13
CA VAL B 82 12.35 -8.21 8.27
C VAL B 82 11.06 -7.47 7.85
N PRO B 83 11.01 -6.14 8.11
CA PRO B 83 9.82 -5.37 7.71
C PRO B 83 9.50 -5.49 6.22
N GLY B 84 8.25 -5.84 5.94
CA GLY B 84 7.76 -6.00 4.57
C GLY B 84 7.91 -7.38 3.97
N ALA B 85 8.67 -8.24 4.64
CA ALA B 85 9.00 -9.59 4.13
C ALA B 85 7.87 -10.54 4.47
N ARG B 86 7.55 -11.41 3.52
CA ARG B 86 6.62 -12.50 3.77
C ARG B 86 7.31 -13.76 3.31
N CYS B 87 7.68 -14.62 4.28
CA CYS B 87 8.42 -15.81 3.98
C CYS B 87 7.65 -17.09 4.34
N ALA B 88 7.22 -17.83 3.34
CA ALA B 88 6.54 -19.13 3.53
C ALA B 88 7.57 -20.21 3.72
N LEU B 89 7.18 -21.34 4.33
CA LEU B 89 7.99 -22.56 4.25
C LEU B 89 7.45 -23.39 3.11
N ALA B 90 8.30 -23.68 2.11
CA ALA B 90 7.90 -24.47 0.95
C ALA B 90 8.47 -25.89 1.12
N TRP B 91 7.56 -26.85 1.28
CA TRP B 91 7.94 -28.27 1.44
C TRP B 91 7.35 -29.16 0.35
N SER B 92 6.73 -28.55 -0.65
CA SER B 92 6.11 -29.24 -1.78
C SER B 92 5.87 -28.24 -2.90
N VAL B 93 5.58 -28.75 -4.09
CA VAL B 93 5.28 -27.91 -5.24
C VAL B 93 4.04 -27.05 -4.96
N GLN B 94 3.01 -27.67 -4.39
CA GLN B 94 1.77 -27.01 -4.02
C GLN B 94 1.96 -25.83 -3.05
N THR B 95 2.73 -26.04 -1.98
CA THR B 95 2.96 -25.01 -0.96
C THR B 95 3.81 -23.86 -1.50
N ALA B 96 4.77 -24.18 -2.37
CA ALA B 96 5.54 -23.15 -3.09
C ALA B 96 4.61 -22.33 -3.98
N ALA B 97 3.73 -23.00 -4.72
CA ALA B 97 2.77 -22.35 -5.61
C ALA B 97 1.79 -21.44 -4.84
N LEU B 98 1.18 -21.98 -3.79
CA LEU B 98 0.23 -21.25 -2.94
C LEU B 98 0.86 -20.08 -2.21
N ALA B 99 2.13 -20.21 -1.82
CA ALA B 99 2.85 -19.12 -1.14
C ALA B 99 2.86 -17.87 -2.04
N ARG B 100 3.12 -18.06 -3.33
CA ARG B 100 3.01 -16.95 -4.31
C ARG B 100 1.56 -16.54 -4.57
N GLU B 101 0.73 -17.51 -4.94
CA GLU B 101 -0.64 -17.25 -5.40
C GLU B 101 -1.53 -16.58 -4.35
N HIS B 102 -1.47 -17.08 -3.13
CA HIS B 102 -2.31 -16.56 -2.03
C HIS B 102 -1.61 -15.53 -1.14
N ASN B 103 -0.36 -15.83 -0.77
CA ASN B 103 0.30 -15.05 0.28
C ASN B 103 1.21 -13.99 -0.31
N ASN B 104 1.32 -13.94 -1.65
CA ASN B 104 2.30 -13.09 -2.32
C ASN B 104 3.67 -13.14 -1.60
N ALA B 105 4.08 -14.33 -1.18
CA ALA B 105 5.33 -14.49 -0.48
C ALA B 105 6.53 -14.16 -1.40
N GLN B 106 7.34 -13.17 -1.03
CA GLN B 106 8.55 -12.88 -1.80
C GLN B 106 9.69 -13.86 -1.52
N LEU B 107 9.59 -14.59 -0.41
CA LEU B 107 10.60 -15.56 -0.05
C LEU B 107 9.95 -16.87 0.34
N ILE B 108 10.70 -17.95 0.13
CA ILE B 108 10.42 -19.23 0.76
C ILE B 108 11.63 -19.76 1.50
N GLY B 109 11.34 -20.48 2.58
CA GLY B 109 12.35 -21.28 3.24
C GLY B 109 12.24 -22.68 2.67
N ILE B 110 13.40 -23.36 2.49
CA ILE B 110 13.42 -24.77 2.15
C ILE B 110 14.38 -25.52 3.10
N GLY B 111 13.98 -26.71 3.53
CA GLY B 111 14.83 -27.56 4.34
C GLY B 111 15.77 -28.43 3.49
N GLY B 112 17.08 -28.21 3.66
CA GLY B 112 18.12 -29.01 2.98
C GLY B 112 18.24 -30.44 3.47
N ARG B 113 17.68 -30.72 4.64
CA ARG B 113 17.67 -32.09 5.16
C ARG B 113 16.33 -32.82 4.88
N MET B 114 15.44 -32.21 4.10
CA MET B 114 14.05 -32.69 4.00
C MET B 114 13.64 -33.30 2.65
N HIS B 115 14.40 -33.02 1.61
CA HIS B 115 14.01 -33.33 0.25
C HIS B 115 15.18 -33.96 -0.51
N THR B 116 14.87 -34.70 -1.56
CA THR B 116 15.88 -35.01 -2.58
C THR B 116 16.17 -33.73 -3.34
N VAL B 117 17.27 -33.70 -4.08
CA VAL B 117 17.60 -32.55 -4.94
C VAL B 117 16.51 -32.33 -5.97
N ALA B 118 16.07 -33.39 -6.65
CA ALA B 118 14.98 -33.33 -7.62
C ALA B 118 13.72 -32.66 -7.03
N GLU B 119 13.35 -33.06 -5.82
CA GLU B 119 12.19 -32.49 -5.13
C GLU B 119 12.38 -31.00 -4.82
N ALA B 120 13.59 -30.67 -4.39
CA ALA B 120 13.92 -29.28 -4.00
C ALA B 120 13.84 -28.37 -5.20
N LEU B 121 14.44 -28.78 -6.32
CA LEU B 121 14.42 -28.00 -7.55
C LEU B 121 13.02 -27.82 -8.11
N ALA B 122 12.18 -28.85 -7.99
CA ALA B 122 10.76 -28.75 -8.33
C ALA B 122 10.04 -27.69 -7.45
N ILE B 123 10.35 -27.67 -6.16
CA ILE B 123 9.81 -26.64 -5.25
C ILE B 123 10.27 -25.26 -5.75
N VAL B 124 11.56 -25.14 -6.06
CA VAL B 124 12.11 -23.88 -6.55
C VAL B 124 11.42 -23.42 -7.85
N ASP B 125 11.21 -24.34 -8.78
CA ASP B 125 10.59 -24.01 -10.06
C ASP B 125 9.18 -23.45 -9.86
N ALA B 126 8.41 -24.11 -9.00
CA ALA B 126 7.05 -23.67 -8.70
C ALA B 126 7.06 -22.26 -8.12
N PHE B 127 7.99 -22.02 -7.21
CA PHE B 127 8.13 -20.71 -6.57
C PHE B 127 8.47 -19.59 -7.54
N VAL B 128 9.42 -19.82 -8.46
CA VAL B 128 9.83 -18.76 -9.36
C VAL B 128 8.91 -18.56 -10.55
N THR B 129 7.98 -19.49 -10.80
CA THR B 129 7.09 -19.34 -11.96
C THR B 129 5.64 -19.07 -11.61
N THR B 130 5.23 -19.32 -10.36
CA THR B 130 3.83 -19.12 -9.99
C THR B 130 3.56 -17.63 -9.74
N PRO B 131 2.63 -17.03 -10.51
CA PRO B 131 2.33 -15.63 -10.21
C PRO B 131 1.47 -15.43 -8.96
N TRP B 132 1.67 -14.28 -8.33
CA TRP B 132 0.74 -13.63 -7.41
C TRP B 132 -0.64 -13.44 -8.08
N SER B 133 -1.70 -13.94 -7.46
CA SER B 133 -3.03 -13.88 -8.09
C SER B 133 -3.63 -12.46 -8.16
N LYS B 134 -3.22 -11.59 -7.22
CA LYS B 134 -3.84 -10.26 -7.00
C LYS B 134 -5.33 -10.30 -6.56
N ALA B 135 -5.82 -11.45 -6.12
CA ALA B 135 -7.23 -11.54 -5.70
C ALA B 135 -7.52 -10.68 -4.48
N GLN B 136 -8.71 -10.10 -4.48
CA GLN B 136 -9.11 -9.11 -3.49
C GLN B 136 -8.88 -9.59 -2.06
N ARG B 137 -9.29 -10.81 -1.75
CA ARG B 137 -9.27 -11.28 -0.37
C ARG B 137 -7.84 -11.44 0.13
N HIS B 138 -6.95 -11.85 -0.77
CA HIS B 138 -5.54 -12.03 -0.42
C HIS B 138 -4.88 -10.69 -0.16
N GLN B 139 -5.18 -9.71 -1.00
CA GLN B 139 -4.64 -8.38 -0.81
C GLN B 139 -5.16 -7.78 0.51
N ARG B 140 -6.42 -8.05 0.82
CA ARG B 140 -7.01 -7.53 2.04
C ARG B 140 -6.26 -8.09 3.24
N ARG B 141 -6.05 -9.40 3.25
CA ARG B 141 -5.31 -10.04 4.32
C ARG B 141 -3.86 -9.55 4.42
N ILE B 142 -3.17 -9.41 3.28
CA ILE B 142 -1.79 -8.87 3.28
C ILE B 142 -1.74 -7.43 3.85
N ASP B 143 -2.72 -6.60 3.49
CA ASP B 143 -2.84 -5.25 4.02
C ASP B 143 -3.09 -5.21 5.51
N ILE B 144 -3.92 -6.11 6.02
CA ILE B 144 -4.13 -6.20 7.45
C ILE B 144 -2.83 -6.49 8.21
N LEU B 145 -2.08 -7.48 7.72
CA LEU B 145 -0.80 -7.83 8.33
C LEU B 145 0.21 -6.67 8.23
N ALA B 146 0.25 -6.01 7.06
CA ALA B 146 1.10 -4.85 6.85
C ALA B 146 0.79 -3.73 7.85
N GLU B 147 -0.49 -3.48 8.11
CA GLU B 147 -0.89 -2.49 9.09
C GLU B 147 -0.43 -2.88 10.53
N TYR B 148 -0.57 -4.15 10.89
CA TYR B 148 -0.05 -4.63 12.17
C TYR B 148 1.47 -4.44 12.28
N GLU B 149 2.19 -4.73 11.20
CA GLU B 149 3.61 -4.52 11.14
C GLU B 149 4.01 -3.04 11.28
N ARG B 150 3.16 -2.16 10.79
CA ARG B 150 3.41 -0.72 10.86
C ARG B 150 3.31 -0.21 12.32
N THR B 151 2.31 -0.67 13.04
CA THR B 151 2.01 -0.15 14.37
C THR B 151 2.28 -1.11 15.54
N HIS B 152 2.39 -2.41 15.22
CA HIS B 152 2.35 -3.47 16.24
C HIS B 152 1.16 -3.38 17.22
N GLU B 153 0.04 -2.82 16.75
CA GLU B 153 -1.21 -2.86 17.49
C GLU B 153 -2.07 -4.00 16.94
N ALA B 154 -2.30 -5.02 17.77
CA ALA B 154 -3.08 -6.18 17.38
C ALA B 154 -4.47 -5.76 16.91
N PRO B 155 -4.86 -6.16 15.69
CA PRO B 155 -6.20 -5.77 15.24
C PRO B 155 -7.25 -6.58 15.96
N PRO B 156 -8.46 -6.02 16.11
CA PRO B 156 -9.49 -6.76 16.83
C PRO B 156 -9.91 -8.03 16.07
N VAL B 157 -10.24 -9.09 16.83
CA VAL B 157 -10.78 -10.31 16.24
C VAL B 157 -12.30 -10.20 16.20
N PRO B 158 -12.93 -10.75 15.14
CA PRO B 158 -14.40 -10.90 15.08
C PRO B 158 -15.02 -11.52 16.36
N GLY B 159 -16.22 -11.08 16.71
N GLY C 3 14.30 25.93 -32.26
CA GLY C 3 13.28 24.92 -32.67
C GLY C 3 13.75 23.51 -32.32
N MET C 4 12.91 22.74 -31.64
CA MET C 4 13.29 21.41 -31.16
C MET C 4 12.20 20.36 -31.18
N ARG C 5 12.68 19.11 -31.10
CA ARG C 5 11.83 17.96 -30.96
C ARG C 5 11.33 17.86 -29.51
N VAL C 6 10.02 17.72 -29.38
CA VAL C 6 9.37 17.50 -28.10
C VAL C 6 8.49 16.24 -28.18
N TYR C 7 8.88 15.22 -27.41
CA TYR C 7 8.12 13.98 -27.26
C TYR C 7 7.02 14.17 -26.23
N LEU C 8 5.80 13.85 -26.64
CA LEU C 8 4.68 13.97 -25.72
C LEU C 8 4.00 12.62 -25.46
N GLY C 9 3.61 12.45 -24.20
CA GLY C 9 2.91 11.26 -23.77
C GLY C 9 1.81 11.74 -22.83
N ALA C 10 0.65 11.12 -22.91
CA ALA C 10 -0.45 11.47 -22.01
C ALA C 10 -1.39 10.29 -21.85
N ASP C 11 -2.04 10.21 -20.69
CA ASP C 11 -3.20 9.34 -20.55
C ASP C 11 -4.43 10.17 -20.89
N HIS C 12 -5.60 9.55 -20.76
CA HIS C 12 -6.90 10.21 -21.01
C HIS C 12 -7.09 11.54 -20.27
N ALA C 13 -6.54 11.64 -19.06
CA ALA C 13 -6.70 12.82 -18.20
C ALA C 13 -5.92 14.02 -18.71
N GLY C 14 -4.84 13.78 -19.46
CA GLY C 14 -4.09 14.84 -20.09
C GLY C 14 -4.22 14.89 -21.60
N TYR C 15 -5.13 14.12 -22.17
CA TYR C 15 -5.17 13.89 -23.61
C TYR C 15 -5.53 15.16 -24.42
N GLU C 16 -6.62 15.81 -24.02
CA GLU C 16 -7.09 17.01 -24.71
C GLU C 16 -6.06 18.12 -24.59
N LEU C 17 -5.44 18.31 -23.42
CA LEU C 17 -4.36 19.29 -23.29
C LEU C 17 -3.15 18.91 -24.16
N LYS C 18 -2.76 17.64 -24.18
CA LYS C 18 -1.70 17.20 -25.08
C LYS C 18 -1.97 17.66 -26.52
N GLN C 19 -3.21 17.48 -26.99
CA GLN C 19 -3.55 17.83 -28.37
C GLN C 19 -3.39 19.34 -28.60
N ARG C 20 -3.85 20.14 -27.64
CA ARG C 20 -3.66 21.60 -27.66
C ARG C 20 -2.20 22.04 -27.63
N ILE C 21 -1.37 21.33 -26.87
CA ILE C 21 0.07 21.62 -26.78
C ILE C 21 0.79 21.27 -28.08
N ILE C 22 0.42 20.15 -28.69
CA ILE C 22 0.95 19.74 -30.00
C ILE C 22 0.73 20.84 -31.07
N GLU C 23 -0.49 21.36 -31.13
CA GLU C 23 -0.85 22.46 -32.03
C GLU C 23 -0.07 23.72 -31.71
N HIS C 24 0.01 24.07 -30.42
CA HIS C 24 0.81 25.22 -29.98
C HIS C 24 2.30 25.10 -30.34
N LEU C 25 2.86 23.92 -30.09
CA LEU C 25 4.26 23.66 -30.41
C LEU C 25 4.54 23.77 -31.91
N LYS C 26 3.63 23.27 -32.74
CA LYS C 26 3.75 23.42 -34.19
C LYS C 26 3.70 24.88 -34.56
N GLN C 27 2.74 25.61 -34.00
CA GLN C 27 2.60 27.06 -34.29
C GLN C 27 3.73 27.94 -33.77
N THR C 28 4.55 27.43 -32.85
CA THR C 28 5.64 28.20 -32.31
C THR C 28 6.99 27.71 -32.84
N GLY C 29 6.95 26.85 -33.86
CA GLY C 29 8.17 26.43 -34.55
C GLY C 29 8.91 25.20 -34.00
N HIS C 30 8.24 24.43 -33.15
CA HIS C 30 8.84 23.21 -32.60
C HIS C 30 8.27 21.99 -33.31
N GLU C 31 8.84 20.84 -32.98
CA GLU C 31 8.48 19.60 -33.63
C GLU C 31 7.95 18.58 -32.62
N PRO C 32 6.65 18.64 -32.35
CA PRO C 32 6.08 17.69 -31.39
C PRO C 32 5.97 16.28 -31.97
N ILE C 33 6.31 15.28 -31.17
CA ILE C 33 6.23 13.90 -31.61
C ILE C 33 5.35 13.20 -30.59
N ASP C 34 4.20 12.72 -31.06
CA ASP C 34 3.16 12.21 -30.20
C ASP C 34 3.43 10.75 -29.90
N CYS C 35 3.71 10.41 -28.63
CA CYS C 35 3.89 9.00 -28.27
C CYS C 35 2.57 8.34 -27.81
N GLY C 36 1.49 9.09 -27.85
CA GLY C 36 0.18 8.56 -27.42
C GLY C 36 -0.17 9.06 -26.02
N ALA C 37 -1.40 8.92 -25.55
CA ALA C 37 -2.51 8.30 -26.25
C ALA C 37 -2.91 9.05 -27.51
N LEU C 38 -3.24 8.30 -28.55
CA LEU C 38 -3.64 8.87 -29.85
C LEU C 38 -5.13 9.16 -29.98
N ARG C 39 -5.90 8.71 -29.01
CA ARG C 39 -7.34 9.01 -28.92
C ARG C 39 -7.71 9.08 -27.44
N TYR C 40 -8.86 9.66 -27.14
CA TYR C 40 -9.36 9.64 -25.76
C TYR C 40 -9.91 8.26 -25.41
N ASP C 41 -9.31 7.63 -24.42
CA ASP C 41 -9.80 6.39 -23.86
C ASP C 41 -9.80 6.56 -22.35
N ALA C 42 -11.02 6.70 -21.82
CA ALA C 42 -11.26 7.07 -20.43
C ALA C 42 -10.57 6.18 -19.41
N ASP C 43 -10.28 4.95 -19.81
CA ASP C 43 -9.76 3.93 -18.90
C ASP C 43 -8.28 3.67 -19.06
N ASP C 44 -7.63 4.35 -20.00
CA ASP C 44 -6.24 4.00 -20.35
C ASP C 44 -5.24 4.34 -19.26
N ASP C 45 -4.02 3.78 -19.41
CA ASP C 45 -3.03 3.72 -18.33
C ASP C 45 -1.77 4.47 -18.67
N TYR C 46 -1.46 5.49 -17.88
CA TYR C 46 -0.38 6.44 -18.18
C TYR C 46 1.04 5.84 -18.36
N PRO C 47 1.44 4.79 -17.60
CA PRO C 47 2.89 4.50 -17.65
C PRO C 47 3.53 4.28 -19.02
N ALA C 48 2.92 3.43 -19.84
CA ALA C 48 3.51 3.10 -21.14
C ALA C 48 3.79 4.36 -21.97
N PHE C 49 2.89 5.32 -21.94
CA PHE C 49 3.06 6.55 -22.76
C PHE C 49 4.22 7.41 -22.22
N CYS C 50 4.40 7.41 -20.90
CA CYS C 50 5.43 8.25 -20.29
C CYS C 50 6.80 7.62 -20.38
N ILE C 51 6.86 6.30 -20.21
CA ILE C 51 8.08 5.54 -20.43
C ILE C 51 8.55 5.72 -21.87
N ALA C 52 7.63 5.64 -22.84
CA ALA C 52 7.98 5.83 -24.25
C ALA C 52 8.55 7.22 -24.51
N ALA C 53 7.89 8.25 -24.00
CA ALA C 53 8.34 9.65 -24.22
C ALA C 53 9.73 9.91 -23.56
N ALA C 54 9.88 9.44 -22.33
CA ALA C 54 11.12 9.64 -21.59
C ALA C 54 12.27 8.84 -22.23
N THR C 55 12.01 7.59 -22.59
CA THR C 55 13.03 6.76 -23.22
C THR C 55 13.56 7.45 -24.48
N ARG C 56 12.63 7.95 -25.30
CA ARG C 56 13.00 8.59 -26.58
C ARG C 56 13.72 9.91 -26.38
N THR C 57 13.25 10.69 -25.41
CA THR C 57 13.90 11.96 -25.07
C THR C 57 15.35 11.77 -24.65
N VAL C 58 15.57 10.77 -23.79
CA VAL C 58 16.89 10.48 -23.27
C VAL C 58 17.80 9.93 -24.38
N ALA C 59 17.26 9.17 -25.32
CA ALA C 59 18.03 8.60 -26.44
C ALA C 59 18.30 9.63 -27.55
N ASP C 60 17.68 10.80 -27.43
CA ASP C 60 17.72 11.85 -28.44
C ASP C 60 18.21 13.14 -27.77
N PRO C 61 19.51 13.21 -27.45
CA PRO C 61 20.05 14.39 -26.76
C PRO C 61 19.75 15.69 -27.51
N GLY C 62 19.30 16.71 -26.78
CA GLY C 62 18.86 17.95 -27.39
C GLY C 62 17.34 18.04 -27.49
N SER C 63 16.66 16.90 -27.41
CA SER C 63 15.20 16.91 -27.34
C SER C 63 14.72 17.17 -25.92
N LEU C 64 13.43 17.48 -25.84
CA LEU C 64 12.71 17.58 -24.60
C LEU C 64 11.46 16.72 -24.69
N GLY C 65 10.79 16.58 -23.55
CA GLY C 65 9.58 15.77 -23.44
C GLY C 65 8.57 16.39 -22.52
N ILE C 66 7.29 16.15 -22.79
CA ILE C 66 6.23 16.61 -21.92
C ILE C 66 5.25 15.47 -21.70
N VAL C 67 4.98 15.15 -20.43
CA VAL C 67 4.05 14.07 -20.11
C VAL C 67 2.92 14.67 -19.30
N LEU C 68 1.71 14.21 -19.59
CA LEU C 68 0.48 14.80 -19.06
C LEU C 68 -0.47 13.79 -18.46
N GLY C 69 -1.05 14.14 -17.32
CA GLY C 69 -2.14 13.38 -16.70
C GLY C 69 -3.09 14.34 -16.00
N GLY C 70 -3.80 13.86 -14.99
CA GLY C 70 -4.69 14.71 -14.19
C GLY C 70 -3.92 15.78 -13.43
N SER C 71 -3.04 15.33 -12.54
CA SER C 71 -2.08 16.19 -11.81
C SER C 71 -0.71 16.28 -12.48
N GLY C 72 -0.39 15.29 -13.33
CA GLY C 72 0.95 15.13 -13.88
C GLY C 72 1.91 14.30 -13.03
N ASN C 73 1.49 13.90 -11.83
CA ASN C 73 2.41 13.26 -10.90
C ASN C 73 2.71 11.80 -11.19
N GLY C 74 1.69 11.03 -11.54
CA GLY C 74 1.90 9.67 -12.04
C GLY C 74 2.85 9.61 -13.22
N GLU C 75 2.73 10.61 -14.09
CA GLU C 75 3.46 10.67 -15.34
C GLU C 75 4.92 11.04 -15.14
N GLN C 76 5.22 12.02 -14.28
CA GLN C 76 6.60 12.32 -13.95
C GLN C 76 7.24 11.15 -13.17
N ILE C 77 6.48 10.50 -12.28
CA ILE C 77 7.00 9.33 -11.57
C ILE C 77 7.42 8.25 -12.58
N ALA C 78 6.55 7.92 -13.53
CA ALA C 78 6.86 6.95 -14.56
C ALA C 78 8.08 7.33 -15.41
N ALA C 79 8.09 8.57 -15.91
CA ALA C 79 9.22 9.09 -16.67
C ALA C 79 10.55 9.02 -15.90
N ASN C 80 10.50 9.35 -14.62
CA ASN C 80 11.70 9.23 -13.77
C ASN C 80 12.23 7.82 -13.51
N LYS C 81 11.43 6.81 -13.80
CA LYS C 81 11.93 5.42 -13.71
C LYS C 81 12.82 5.05 -14.91
N VAL C 82 12.77 5.87 -15.95
CA VAL C 82 13.57 5.64 -17.14
C VAL C 82 15.02 6.06 -16.88
N PRO C 83 15.99 5.14 -17.06
CA PRO C 83 17.39 5.52 -16.82
C PRO C 83 17.82 6.78 -17.59
N GLY C 84 18.46 7.71 -16.88
CA GLY C 84 18.92 8.96 -17.51
C GLY C 84 17.91 10.08 -17.63
N ALA C 85 16.66 9.82 -17.32
CA ALA C 85 15.59 10.82 -17.43
C ALA C 85 15.52 11.63 -16.16
N ARG C 86 15.34 12.94 -16.32
CA ARG C 86 15.00 13.82 -15.19
C ARG C 86 13.73 14.54 -15.55
N CYS C 87 12.64 14.17 -14.89
CA CYS C 87 11.32 14.74 -15.17
C CYS C 87 10.76 15.52 -13.98
N ALA C 88 10.67 16.83 -14.15
CA ALA C 88 10.14 17.72 -13.15
C ALA C 88 8.64 17.78 -13.28
N LEU C 89 7.95 18.18 -12.23
CA LEU C 89 6.57 18.59 -12.32
C LEU C 89 6.52 20.10 -12.46
N ALA C 90 6.00 20.57 -13.59
CA ALA C 90 5.89 22.00 -13.88
C ALA C 90 4.44 22.42 -13.61
N TRP C 91 4.23 23.26 -12.60
CA TRP C 91 2.93 23.81 -12.28
C TRP C 91 2.88 25.33 -12.38
N SER C 92 3.94 25.94 -12.91
CA SER C 92 4.03 27.39 -13.05
C SER C 92 5.09 27.65 -14.05
N VAL C 93 5.12 28.87 -14.58
CA VAL C 93 6.23 29.31 -15.41
C VAL C 93 7.57 29.20 -14.66
N GLN C 94 7.59 29.62 -13.41
CA GLN C 94 8.81 29.58 -12.61
C GLN C 94 9.33 28.16 -12.43
N THR C 95 8.45 27.20 -12.13
CA THR C 95 8.93 25.84 -11.93
C THR C 95 9.36 25.18 -13.26
N ALA C 96 8.70 25.53 -14.36
CA ALA C 96 9.11 25.07 -15.69
C ALA C 96 10.52 25.59 -16.02
N ALA C 97 10.75 26.88 -15.74
CA ALA C 97 12.05 27.50 -16.01
C ALA C 97 13.13 26.93 -15.09
N LEU C 98 12.85 26.84 -13.80
CA LEU C 98 13.81 26.27 -12.86
C LEU C 98 14.19 24.82 -13.20
N ALA C 99 13.21 24.05 -13.64
CA ALA C 99 13.45 22.64 -14.05
C ALA C 99 14.58 22.55 -15.05
N ARG C 100 14.53 23.42 -16.07
CA ARG C 100 15.60 23.50 -17.07
C ARG C 100 16.90 24.08 -16.51
N GLU C 101 16.80 25.26 -15.89
CA GLU C 101 17.98 26.02 -15.39
C GLU C 101 18.81 25.21 -14.39
N HIS C 102 18.14 24.67 -13.39
CA HIS C 102 18.80 24.00 -12.27
C HIS C 102 18.90 22.48 -12.43
N ASN C 103 17.80 21.87 -12.85
CA ASN C 103 17.75 20.42 -12.86
C ASN C 103 18.08 19.76 -14.20
N ASN C 104 18.26 20.56 -15.24
CA ASN C 104 18.43 20.06 -16.61
C ASN C 104 17.40 18.97 -16.89
N ALA C 105 16.16 19.21 -16.47
CA ALA C 105 15.09 18.25 -16.66
C ALA C 105 14.81 18.19 -18.15
N GLN C 106 14.94 17.01 -18.76
CA GLN C 106 14.58 16.86 -20.18
C GLN C 106 13.07 16.77 -20.31
N LEU C 107 12.37 16.47 -19.21
CA LEU C 107 10.93 16.35 -19.24
C LEU C 107 10.26 17.10 -18.12
N ILE C 108 9.05 17.53 -18.40
CA ILE C 108 8.15 17.98 -17.37
C ILE C 108 6.86 17.24 -17.46
N GLY C 109 6.28 16.99 -16.29
CA GLY C 109 4.91 16.54 -16.18
C GLY C 109 4.03 17.76 -16.00
N ILE C 110 2.85 17.76 -16.60
CA ILE C 110 1.86 18.82 -16.43
C ILE C 110 0.50 18.18 -16.17
N GLY C 111 -0.23 18.76 -15.23
CA GLY C 111 -1.55 18.27 -14.84
C GLY C 111 -2.61 18.98 -15.65
N GLY C 112 -3.29 18.21 -16.51
CA GLY C 112 -4.40 18.72 -17.31
C GLY C 112 -5.60 19.20 -16.51
N ARG C 113 -5.74 18.75 -15.27
CA ARG C 113 -6.86 19.16 -14.44
C ARG C 113 -6.54 20.39 -13.58
N MET C 114 -5.33 20.93 -13.70
CA MET C 114 -4.82 21.91 -12.73
C MET C 114 -4.75 23.32 -13.26
N HIS C 115 -4.79 23.50 -14.58
CA HIS C 115 -4.52 24.81 -15.17
C HIS C 115 -5.56 25.15 -16.24
N THR C 116 -5.66 26.43 -16.58
CA THR C 116 -6.37 26.82 -17.80
C THR C 116 -5.44 26.49 -18.97
N VAL C 117 -6.00 26.43 -20.17
CA VAL C 117 -5.18 26.13 -21.33
C VAL C 117 -4.08 27.17 -21.51
N ALA C 118 -4.40 28.43 -21.22
CA ALA C 118 -3.45 29.53 -21.34
C ALA C 118 -2.32 29.41 -20.34
N GLU C 119 -2.68 29.06 -19.10
CA GLU C 119 -1.70 28.80 -18.05
C GLU C 119 -0.75 27.65 -18.45
N ALA C 120 -1.33 26.57 -18.96
CA ALA C 120 -0.57 25.40 -19.40
C ALA C 120 0.37 25.71 -20.56
N LEU C 121 -0.08 26.51 -21.54
CA LEU C 121 0.78 26.87 -22.66
C LEU C 121 1.90 27.83 -22.24
N ALA C 122 1.63 28.68 -21.25
CA ALA C 122 2.66 29.54 -20.68
C ALA C 122 3.76 28.68 -20.03
N ILE C 123 3.33 27.61 -19.37
CA ILE C 123 4.24 26.66 -18.73
C ILE C 123 5.08 25.96 -19.78
N VAL C 124 4.42 25.45 -20.81
CA VAL C 124 5.13 24.86 -21.96
C VAL C 124 6.14 25.83 -22.61
N ASP C 125 5.76 27.09 -22.82
CA ASP C 125 6.67 28.06 -23.43
C ASP C 125 7.93 28.25 -22.57
N ALA C 126 7.75 28.37 -21.26
CA ALA C 126 8.90 28.53 -20.33
C ALA C 126 9.84 27.34 -20.41
N PHE C 127 9.24 26.16 -20.48
CA PHE C 127 9.99 24.92 -20.53
C PHE C 127 10.86 24.80 -21.78
N VAL C 128 10.29 25.08 -22.96
CA VAL C 128 11.01 24.88 -24.20
C VAL C 128 11.93 26.04 -24.57
N THR C 129 11.84 27.17 -23.88
CA THR C 129 12.69 28.32 -24.16
C THR C 129 13.73 28.63 -23.09
N THR C 130 13.57 28.11 -21.89
CA THR C 130 14.59 28.36 -20.84
C THR C 130 15.82 27.45 -21.02
N PRO C 131 17.01 28.04 -21.16
CA PRO C 131 18.19 27.21 -21.28
C PRO C 131 18.61 26.53 -19.96
N TRP C 132 19.18 25.34 -20.12
CA TRP C 132 19.93 24.69 -19.06
C TRP C 132 21.13 25.58 -18.76
N SER C 133 21.35 25.86 -17.47
CA SER C 133 22.40 26.81 -17.06
C SER C 133 23.82 26.33 -17.31
N LYS C 134 24.04 25.02 -17.15
CA LYS C 134 25.34 24.36 -17.20
C LYS C 134 26.21 24.69 -15.97
N ALA C 135 25.60 25.26 -14.94
CA ALA C 135 26.36 25.74 -13.77
C ALA C 135 26.89 24.54 -13.02
N GLN C 136 28.14 24.68 -12.58
CA GLN C 136 28.91 23.63 -11.91
C GLN C 136 28.17 22.82 -10.85
N ARG C 137 27.50 23.51 -9.92
CA ARG C 137 26.89 22.84 -8.78
C ARG C 137 25.74 21.94 -9.25
N HIS C 138 25.00 22.42 -10.23
CA HIS C 138 23.89 21.68 -10.80
C HIS C 138 24.38 20.44 -11.54
N GLN C 139 25.41 20.60 -12.34
CA GLN C 139 26.02 19.45 -13.02
C GLN C 139 26.52 18.43 -11.99
N ARG C 140 27.13 18.88 -10.91
CA ARG C 140 27.62 17.99 -9.87
C ARG C 140 26.46 17.14 -9.32
N ARG C 141 25.36 17.80 -8.98
CA ARG C 141 24.23 17.11 -8.39
C ARG C 141 23.62 16.07 -9.34
N ILE C 142 23.41 16.48 -10.58
CA ILE C 142 22.90 15.63 -11.65
C ILE C 142 23.82 14.42 -11.90
N ASP C 143 25.13 14.67 -11.83
CA ASP C 143 26.13 13.60 -11.97
C ASP C 143 26.04 12.60 -10.81
N ILE C 144 25.81 13.12 -9.60
CA ILE C 144 25.68 12.27 -8.42
C ILE C 144 24.48 11.34 -8.57
N LEU C 145 23.38 11.91 -9.05
CA LEU C 145 22.19 11.12 -9.31
C LEU C 145 22.41 10.06 -10.41
N ALA C 146 23.06 10.44 -11.50
CA ALA C 146 23.37 9.51 -12.60
C ALA C 146 24.23 8.34 -12.11
N GLU C 147 25.19 8.62 -11.23
CA GLU C 147 26.04 7.58 -10.66
C GLU C 147 25.23 6.62 -9.77
N TYR C 148 24.34 7.16 -8.95
CA TYR C 148 23.41 6.32 -8.18
C TYR C 148 22.55 5.44 -9.10
N GLU C 149 22.06 6.00 -10.20
CA GLU C 149 21.31 5.23 -11.18
C GLU C 149 22.13 4.10 -11.71
N ARG C 150 23.40 4.38 -11.94
CA ARG C 150 24.31 3.38 -12.49
C ARG C 150 24.53 2.19 -11.53
N THR C 151 24.73 2.46 -10.25
CA THR C 151 25.20 1.43 -9.31
C THR C 151 24.21 1.04 -8.22
N HIS C 152 23.26 1.94 -7.96
CA HIS C 152 22.42 1.92 -6.77
C HIS C 152 23.16 1.84 -5.42
N GLU C 153 24.40 2.32 -5.37
CA GLU C 153 25.10 2.56 -4.11
C GLU C 153 24.64 3.94 -3.66
N ALA C 154 23.86 4.01 -2.59
CA ALA C 154 23.43 5.29 -2.04
C ALA C 154 24.67 6.11 -1.68
N PRO C 155 24.75 7.36 -2.17
CA PRO C 155 25.93 8.14 -1.81
C PRO C 155 25.91 8.55 -0.35
N PRO C 156 27.09 8.85 0.21
CA PRO C 156 27.15 9.12 1.63
C PRO C 156 26.42 10.40 1.99
N VAL C 157 25.80 10.42 3.17
CA VAL C 157 25.01 11.55 3.61
C VAL C 157 25.91 12.44 4.44
N PRO C 158 26.18 13.68 3.95
CA PRO C 158 27.02 14.61 4.69
C PRO C 158 26.51 14.83 6.09
N GLY C 159 27.35 14.53 7.08
CA GLY C 159 27.03 14.78 8.47
C GLY C 159 26.10 13.76 9.08
N ALA C 160 25.97 12.59 8.43
CA ALA C 160 25.17 11.49 8.97
C ALA C 160 25.67 11.11 10.37
N PRO C 161 24.76 11.04 11.35
N SER D 2 -2.78 6.00 12.77
CA SER D 2 -3.10 7.45 12.55
C SER D 2 -1.84 8.32 12.53
N GLY D 3 -1.01 8.21 13.58
CA GLY D 3 0.35 8.74 13.58
C GLY D 3 1.22 8.01 12.56
N MET D 4 1.95 8.77 11.74
CA MET D 4 2.72 8.22 10.62
C MET D 4 4.17 8.44 10.93
N ARG D 5 5.02 7.48 10.58
CA ARG D 5 6.45 7.69 10.55
C ARG D 5 6.75 8.33 9.23
N VAL D 6 7.57 9.37 9.26
CA VAL D 6 7.88 10.21 8.09
C VAL D 6 9.38 10.45 8.06
N TYR D 7 10.03 9.97 7.02
CA TYR D 7 11.44 10.25 6.77
C TYR D 7 11.57 11.55 6.03
N LEU D 8 12.39 12.48 6.54
CA LEU D 8 12.57 13.77 5.85
C LEU D 8 14.00 13.98 5.37
N GLY D 9 14.12 14.54 4.17
CA GLY D 9 15.38 14.89 3.56
C GLY D 9 15.26 16.25 2.89
N ALA D 10 16.35 17.01 2.94
CA ALA D 10 16.42 18.34 2.31
C ALA D 10 17.84 18.78 2.04
N ASP D 11 18.02 19.58 0.99
CA ASP D 11 19.21 20.40 0.84
C ASP D 11 18.99 21.73 1.57
N HIS D 12 20.00 22.58 1.54
CA HIS D 12 19.97 23.91 2.15
C HIS D 12 18.78 24.78 1.75
N ALA D 13 18.24 24.58 0.53
CA ALA D 13 17.12 25.37 0.01
C ALA D 13 15.79 24.96 0.65
N GLY D 14 15.67 23.70 1.07
CA GLY D 14 14.49 23.25 1.80
C GLY D 14 14.72 23.04 3.27
N TYR D 15 15.94 23.33 3.73
CA TYR D 15 16.37 23.06 5.09
C TYR D 15 15.52 23.77 6.16
N GLU D 16 15.29 25.08 6.01
CA GLU D 16 14.52 25.79 7.02
C GLU D 16 13.06 25.30 7.09
N LEU D 17 12.46 25.04 5.95
CA LEU D 17 11.10 24.44 5.92
C LEU D 17 11.07 23.03 6.54
N LYS D 18 12.06 22.20 6.23
CA LYS D 18 12.18 20.87 6.83
C LYS D 18 12.09 20.92 8.36
N GLN D 19 12.85 21.80 8.97
CA GLN D 19 12.87 21.91 10.43
C GLN D 19 11.52 22.33 10.99
N ARG D 20 10.85 23.25 10.30
CA ARG D 20 9.46 23.61 10.63
C ARG D 20 8.48 22.42 10.52
N ILE D 21 8.64 21.64 9.46
CA ILE D 21 7.77 20.50 9.23
C ILE D 21 7.98 19.46 10.33
N ILE D 22 9.23 19.19 10.68
CA ILE D 22 9.58 18.26 11.74
C ILE D 22 8.85 18.65 13.03
N GLU D 23 8.93 19.92 13.38
CA GLU D 23 8.25 20.42 14.58
C GLU D 23 6.73 20.22 14.48
N HIS D 24 6.18 20.61 13.33
CA HIS D 24 4.76 20.48 13.08
C HIS D 24 4.31 19.03 13.16
N LEU D 25 5.11 18.11 12.57
CA LEU D 25 4.80 16.68 12.62
C LEU D 25 4.80 16.15 14.06
N LYS D 26 5.78 16.57 14.86
CA LYS D 26 5.81 16.20 16.28
C LYS D 26 4.54 16.68 17.00
N GLN D 27 4.16 17.94 16.73
CA GLN D 27 3.01 18.55 17.40
C GLN D 27 1.67 17.93 17.01
N THR D 28 1.61 17.32 15.82
CA THR D 28 0.38 16.71 15.32
C THR D 28 0.34 15.18 15.46
N GLY D 29 1.27 14.63 16.22
CA GLY D 29 1.18 13.22 16.67
C GLY D 29 1.90 12.22 15.77
N HIS D 30 2.74 12.73 14.86
CA HIS D 30 3.50 11.90 13.94
C HIS D 30 4.96 11.75 14.39
N GLU D 31 5.70 10.92 13.67
CA GLU D 31 7.05 10.55 14.05
C GLU D 31 8.05 10.91 12.93
N PRO D 32 8.55 12.16 12.94
CA PRO D 32 9.51 12.59 11.92
C PRO D 32 10.91 12.07 12.18
N ILE D 33 11.53 11.49 11.16
CA ILE D 33 12.90 11.06 11.25
C ILE D 33 13.74 11.91 10.28
N ASP D 34 14.73 12.63 10.81
CA ASP D 34 15.50 13.56 9.98
C ASP D 34 16.66 12.84 9.32
N CYS D 35 16.67 12.76 7.98
CA CYS D 35 17.78 12.16 7.25
C CYS D 35 18.85 13.18 6.87
N GLY D 36 18.60 14.46 7.17
CA GLY D 36 19.49 15.54 6.82
C GLY D 36 18.97 16.34 5.63
N ALA D 37 19.53 17.52 5.36
CA ALA D 37 20.70 18.05 6.03
C ALA D 37 20.38 18.45 7.46
N LEU D 38 21.34 18.27 8.37
CA LEU D 38 21.13 18.54 9.77
C LEU D 38 21.42 19.99 10.16
N ARG D 39 22.17 20.70 9.29
CA ARG D 39 22.44 22.13 9.40
C ARG D 39 22.34 22.77 8.03
N TYR D 40 22.27 24.10 7.99
CA TYR D 40 22.35 24.85 6.73
C TYR D 40 23.77 24.83 6.18
N ASP D 41 23.92 24.29 4.99
CA ASP D 41 25.17 24.40 4.21
C ASP D 41 24.75 24.83 2.82
N ALA D 42 25.03 26.10 2.53
CA ALA D 42 24.58 26.78 1.33
C ALA D 42 24.96 26.08 0.02
N ASP D 43 26.01 25.28 0.07
CA ASP D 43 26.54 24.60 -1.11
C ASP D 43 26.14 23.13 -1.25
N ASP D 44 25.36 22.61 -0.31
CA ASP D 44 25.18 21.14 -0.24
C ASP D 44 24.26 20.61 -1.34
N ASP D 45 24.36 19.30 -1.54
CA ASP D 45 23.84 18.64 -2.74
C ASP D 45 22.66 17.73 -2.38
N TYR D 46 21.50 17.98 -2.99
CA TYR D 46 20.24 17.31 -2.63
C TYR D 46 20.23 15.78 -2.78
N PRO D 47 20.87 15.22 -3.83
CA PRO D 47 20.62 13.76 -4.05
C PRO D 47 20.80 12.81 -2.86
N ALA D 48 21.92 12.91 -2.16
CA ALA D 48 22.21 11.96 -1.05
C ALA D 48 21.11 11.95 0.00
N PHE D 49 20.60 13.13 0.35
CA PHE D 49 19.57 13.24 1.41
C PHE D 49 18.27 12.62 0.97
N CYS D 50 17.95 12.77 -0.31
CA CYS D 50 16.69 12.29 -0.88
C CYS D 50 16.68 10.77 -1.10
N ILE D 51 17.82 10.25 -1.57
CA ILE D 51 18.02 8.84 -1.78
C ILE D 51 17.95 8.17 -0.40
N ALA D 52 18.52 8.81 0.63
CA ALA D 52 18.42 8.30 2.02
C ALA D 52 16.97 8.20 2.50
N ALA D 53 16.24 9.33 2.42
CA ALA D 53 14.84 9.34 2.81
C ALA D 53 14.02 8.34 1.99
N ALA D 54 14.19 8.33 0.67
CA ALA D 54 13.39 7.45 -0.18
C ALA D 54 13.72 5.98 0.09
N THR D 55 15.01 5.65 0.16
CA THR D 55 15.42 4.29 0.52
C THR D 55 14.83 3.83 1.86
N ARG D 56 14.93 4.66 2.89
CA ARG D 56 14.48 4.26 4.21
C ARG D 56 12.97 4.11 4.22
N THR D 57 12.28 4.95 3.46
CA THR D 57 10.84 4.91 3.35
C THR D 57 10.40 3.59 2.70
N VAL D 58 11.04 3.21 1.60
CA VAL D 58 10.66 1.97 0.91
C VAL D 58 10.91 0.74 1.80
N ALA D 59 12.00 0.77 2.58
CA ALA D 59 12.39 -0.37 3.39
C ALA D 59 11.57 -0.49 4.69
N ASP D 60 10.79 0.55 5.00
CA ASP D 60 9.97 0.65 6.23
C ASP D 60 8.50 0.82 5.84
N PRO D 61 7.85 -0.27 5.43
CA PRO D 61 6.53 -0.15 4.86
C PRO D 61 5.51 0.48 5.81
N GLY D 62 4.62 1.29 5.25
CA GLY D 62 3.68 2.06 6.06
C GLY D 62 4.20 3.46 6.40
N SER D 63 5.50 3.67 6.24
CA SER D 63 6.10 4.97 6.41
C SER D 63 5.91 5.85 5.17
N LEU D 64 6.10 7.14 5.40
CA LEU D 64 6.02 8.12 4.39
C LEU D 64 7.32 8.93 4.42
N GLY D 65 7.52 9.75 3.40
CA GLY D 65 8.73 10.57 3.29
C GLY D 65 8.40 11.90 2.67
N ILE D 66 9.16 12.92 3.06
CA ILE D 66 9.02 14.24 2.51
C ILE D 66 10.42 14.71 2.18
N VAL D 67 10.64 15.10 0.93
CA VAL D 67 11.91 15.64 0.52
C VAL D 67 11.74 17.08 0.04
N LEU D 68 12.66 17.95 0.46
CA LEU D 68 12.53 19.38 0.17
C LEU D 68 13.76 20.00 -0.50
N GLY D 69 13.51 20.95 -1.40
CA GLY D 69 14.55 21.80 -1.95
C GLY D 69 13.95 23.16 -2.25
N GLY D 70 14.56 23.86 -3.19
CA GLY D 70 14.03 25.14 -3.70
C GLY D 70 12.63 25.04 -4.29
N SER D 71 12.50 24.29 -5.37
CA SER D 71 11.23 23.90 -5.97
C SER D 71 10.68 22.54 -5.50
N GLY D 72 11.55 21.70 -4.94
CA GLY D 72 11.25 20.29 -4.66
C GLY D 72 11.48 19.32 -5.86
N ASN D 73 11.80 19.87 -7.03
CA ASN D 73 11.83 19.03 -8.24
C ASN D 73 13.06 18.15 -8.36
N GLY D 74 14.24 18.67 -8.01
CA GLY D 74 15.42 17.83 -8.01
C GLY D 74 15.29 16.72 -7.00
N GLU D 75 14.60 17.02 -5.90
CA GLU D 75 14.41 16.08 -4.79
C GLU D 75 13.43 14.94 -5.09
N GLN D 76 12.29 15.24 -5.71
CA GLN D 76 11.41 14.16 -6.16
C GLN D 76 12.07 13.33 -7.28
N ILE D 77 12.82 13.98 -8.16
CA ILE D 77 13.52 13.24 -9.22
C ILE D 77 14.50 12.23 -8.62
N ALA D 78 15.28 12.69 -7.64
CA ALA D 78 16.23 11.86 -6.94
C ALA D 78 15.57 10.67 -6.21
N ALA D 79 14.49 10.97 -5.49
CA ALA D 79 13.73 10.00 -4.73
C ALA D 79 13.18 8.90 -5.65
N ASN D 80 12.68 9.32 -6.80
CA ASN D 80 12.11 8.42 -7.80
C ASN D 80 13.10 7.50 -8.43
N LYS D 81 14.38 7.79 -8.28
CA LYS D 81 15.42 6.86 -8.77
C LYS D 81 15.59 5.64 -7.83
N VAL D 82 15.09 5.73 -6.61
CA VAL D 82 15.17 4.62 -5.65
C VAL D 82 14.17 3.51 -6.01
N PRO D 83 14.65 2.27 -6.16
CA PRO D 83 13.72 1.18 -6.50
C PRO D 83 12.55 1.09 -5.52
N GLY D 84 11.35 1.09 -6.06
CA GLY D 84 10.12 0.97 -5.27
C GLY D 84 9.50 2.28 -4.81
N ALA D 85 10.22 3.38 -4.97
CA ALA D 85 9.78 4.68 -4.51
C ALA D 85 8.92 5.35 -5.58
N ARG D 86 7.84 5.98 -5.12
CA ARG D 86 7.00 6.85 -5.92
C ARG D 86 6.91 8.19 -5.18
N CYS D 87 7.49 9.22 -5.76
CA CYS D 87 7.52 10.53 -5.15
C CYS D 87 6.83 11.54 -6.05
N ALA D 88 5.72 12.05 -5.56
CA ALA D 88 4.99 13.13 -6.20
C ALA D 88 5.61 14.48 -5.82
N LEU D 89 5.39 15.50 -6.64
CA LEU D 89 5.66 16.88 -6.21
C LEU D 89 4.32 17.43 -5.74
N ALA D 90 4.27 17.83 -4.48
CA ALA D 90 3.08 18.38 -3.85
C ALA D 90 3.23 19.90 -3.77
N TRP D 91 2.37 20.62 -4.49
CA TRP D 91 2.37 22.08 -4.49
C TRP D 91 1.03 22.65 -4.01
N SER D 92 0.15 21.77 -3.54
CA SER D 92 -1.16 22.17 -3.10
C SER D 92 -1.74 21.08 -2.24
N VAL D 93 -2.75 21.43 -1.46
CA VAL D 93 -3.46 20.43 -0.69
C VAL D 93 -4.02 19.36 -1.63
N GLN D 94 -4.56 19.78 -2.78
CA GLN D 94 -5.12 18.85 -3.75
C GLN D 94 -4.09 17.86 -4.31
N THR D 95 -2.91 18.36 -4.70
CA THR D 95 -1.87 17.50 -5.28
C THR D 95 -1.26 16.56 -4.23
N ALA D 96 -1.13 17.02 -2.98
CA ALA D 96 -0.72 16.14 -1.86
C ALA D 96 -1.71 15.00 -1.60
N ALA D 97 -3.01 15.33 -1.59
CA ALA D 97 -4.08 14.33 -1.43
C ALA D 97 -4.11 13.32 -2.59
N LEU D 98 -4.10 13.81 -3.82
CA LEU D 98 -4.13 12.93 -4.99
C LEU D 98 -2.90 12.04 -5.11
N ALA D 99 -1.76 12.55 -4.67
CA ALA D 99 -0.52 11.77 -4.61
C ALA D 99 -0.71 10.48 -3.81
N ARG D 100 -1.43 10.56 -2.70
CA ARG D 100 -1.77 9.36 -1.91
C ARG D 100 -2.91 8.54 -2.53
N GLU D 101 -4.06 9.18 -2.79
CA GLU D 101 -5.27 8.52 -3.29
C GLU D 101 -5.05 7.77 -4.60
N HIS D 102 -4.43 8.44 -5.56
CA HIS D 102 -4.23 7.87 -6.90
C HIS D 102 -2.89 7.18 -7.10
N ASN D 103 -1.82 7.82 -6.64
CA ASN D 103 -0.46 7.36 -7.00
C ASN D 103 0.19 6.47 -5.91
N ASN D 104 -0.49 6.33 -4.78
CA ASN D 104 0.07 5.65 -3.60
C ASN D 104 1.54 6.11 -3.38
N ALA D 105 1.77 7.41 -3.54
CA ALA D 105 3.09 7.99 -3.36
C ALA D 105 3.48 7.87 -1.91
N GLN D 106 4.61 7.23 -1.63
CA GLN D 106 5.12 7.17 -0.26
C GLN D 106 5.82 8.46 0.10
N LEU D 107 6.24 9.20 -0.92
CA LEU D 107 6.96 10.43 -0.75
C LEU D 107 6.34 11.57 -1.56
N ILE D 108 6.52 12.76 -1.02
CA ILE D 108 6.31 14.01 -1.78
C ILE D 108 7.54 14.90 -1.70
N GLY D 109 7.76 15.66 -2.78
CA GLY D 109 8.68 16.77 -2.80
C GLY D 109 7.88 18.05 -2.57
N ILE D 110 8.48 18.98 -1.83
CA ILE D 110 7.90 20.30 -1.54
C ILE D 110 9.00 21.32 -1.75
N GLY D 111 8.67 22.41 -2.42
CA GLY D 111 9.61 23.49 -2.63
C GLY D 111 9.57 24.45 -1.46
N GLY D 112 10.68 24.60 -0.77
CA GLY D 112 10.81 25.61 0.28
C GLY D 112 10.77 27.06 -0.18
N ARG D 113 10.94 27.30 -1.48
CA ARG D 113 10.94 28.68 -1.99
C ARG D 113 9.61 29.04 -2.69
N MET D 114 8.62 28.16 -2.58
CA MET D 114 7.39 28.25 -3.34
C MET D 114 6.16 28.63 -2.51
N HIS D 115 6.19 28.38 -1.20
CA HIS D 115 5.00 28.51 -0.39
C HIS D 115 5.27 29.28 0.90
N THR D 116 4.19 29.80 1.48
CA THR D 116 4.20 30.26 2.87
C THR D 116 4.29 29.02 3.75
N VAL D 117 4.77 29.18 5.00
CA VAL D 117 4.85 28.08 5.94
C VAL D 117 3.44 27.49 6.17
N ALA D 118 2.46 28.36 6.35
CA ALA D 118 1.05 27.92 6.45
C ALA D 118 0.60 27.03 5.26
N GLU D 119 0.88 27.48 4.04
CA GLU D 119 0.61 26.70 2.84
C GLU D 119 1.34 25.34 2.84
N ALA D 120 2.64 25.37 3.14
CA ALA D 120 3.46 24.15 3.22
C ALA D 120 2.93 23.15 4.25
N LEU D 121 2.60 23.62 5.45
CA LEU D 121 2.06 22.76 6.49
C LEU D 121 0.69 22.19 6.11
N ALA D 122 -0.13 22.95 5.37
CA ALA D 122 -1.41 22.44 4.89
C ALA D 122 -1.19 21.27 3.88
N ILE D 123 -0.19 21.44 3.03
CA ILE D 123 0.26 20.38 2.09
C ILE D 123 0.70 19.11 2.85
N VAL D 124 1.54 19.32 3.86
CA VAL D 124 2.00 18.21 4.70
C VAL D 124 0.82 17.46 5.34
N ASP D 125 -0.11 18.22 5.91
CA ASP D 125 -1.26 17.63 6.60
C ASP D 125 -2.09 16.75 5.67
N ALA D 126 -2.39 17.26 4.49
CA ALA D 126 -3.09 16.49 3.46
C ALA D 126 -2.33 15.22 3.09
N PHE D 127 -1.00 15.32 3.01
CA PHE D 127 -0.18 14.17 2.63
C PHE D 127 -0.21 13.05 3.66
N VAL D 128 -0.05 13.41 4.93
CA VAL D 128 0.01 12.42 6.01
C VAL D 128 -1.36 11.90 6.48
N THR D 129 -2.46 12.50 6.04
CA THR D 129 -3.79 12.07 6.47
C THR D 129 -4.64 11.39 5.38
N THR D 130 -4.27 11.61 4.12
CA THR D 130 -5.02 11.06 2.99
C THR D 130 -4.68 9.61 2.71
N PRO D 131 -5.69 8.71 2.77
CA PRO D 131 -5.44 7.30 2.50
C PRO D 131 -5.20 7.01 1.02
N TRP D 132 -4.35 6.03 0.77
CA TRP D 132 -4.32 5.36 -0.52
C TRP D 132 -5.70 4.70 -0.79
N SER D 133 -6.28 4.97 -1.96
CA SER D 133 -7.64 4.50 -2.31
C SER D 133 -7.76 2.99 -2.52
N LYS D 134 -6.70 2.36 -3.04
CA LYS D 134 -6.68 0.96 -3.44
C LYS D 134 -7.62 0.66 -4.62
N ALA D 135 -8.03 1.69 -5.36
CA ALA D 135 -8.86 1.47 -6.55
C ALA D 135 -8.12 0.63 -7.61
N GLN D 136 -8.88 -0.26 -8.23
CA GLN D 136 -8.35 -1.17 -9.24
C GLN D 136 -7.45 -0.47 -10.27
N ARG D 137 -7.91 0.64 -10.85
CA ARG D 137 -7.16 1.22 -11.98
C ARG D 137 -5.79 1.78 -11.53
N HIS D 138 -5.74 2.29 -10.31
CA HIS D 138 -4.54 2.88 -9.77
C HIS D 138 -3.52 1.79 -9.44
N GLN D 139 -4.00 0.69 -8.86
CA GLN D 139 -3.13 -0.47 -8.61
C GLN D 139 -2.63 -1.09 -9.94
N ARG D 140 -3.46 -1.15 -10.97
CA ARG D 140 -3.04 -1.68 -12.26
C ARG D 140 -1.89 -0.85 -12.83
N ARG D 141 -2.06 0.47 -12.80
CA ARG D 141 -1.05 1.39 -13.28
C ARG D 141 0.23 1.34 -12.42
N ILE D 142 0.08 1.28 -11.10
CA ILE D 142 1.25 1.10 -10.25
C ILE D 142 1.98 -0.23 -10.56
N ASP D 143 1.21 -1.30 -10.79
CA ASP D 143 1.79 -2.59 -11.18
C ASP D 143 2.55 -2.53 -12.52
N ILE D 144 2.03 -1.79 -13.48
CA ILE D 144 2.69 -1.66 -14.79
C ILE D 144 4.05 -1.00 -14.61
N LEU D 145 4.10 0.08 -13.85
CA LEU D 145 5.33 0.79 -13.61
C LEU D 145 6.34 -0.06 -12.80
N ALA D 146 5.86 -0.75 -11.79
CA ALA D 146 6.67 -1.67 -10.98
C ALA D 146 7.30 -2.78 -11.83
N GLU D 147 6.55 -3.29 -12.82
CA GLU D 147 7.10 -4.27 -13.74
C GLU D 147 8.19 -3.67 -14.64
N TYR D 148 7.98 -2.44 -15.11
CA TYR D 148 9.01 -1.72 -15.87
C TYR D 148 10.29 -1.51 -15.02
N GLU D 149 10.09 -1.10 -13.78
CA GLU D 149 11.20 -0.92 -12.86
C GLU D 149 11.95 -2.23 -12.64
N ARG D 150 11.22 -3.35 -12.65
CA ARG D 150 11.84 -4.66 -12.51
C ARG D 150 12.76 -5.07 -13.69
N THR D 151 12.33 -4.83 -14.93
CA THR D 151 13.03 -5.36 -16.11
C THR D 151 13.64 -4.30 -17.01
N HIS D 152 13.14 -3.06 -16.85
CA HIS D 152 13.44 -1.94 -17.73
C HIS D 152 13.17 -2.17 -19.21
N GLU D 153 12.20 -3.04 -19.48
CA GLU D 153 11.65 -3.23 -20.81
C GLU D 153 10.36 -2.42 -20.91
N ALA D 154 10.38 -1.39 -21.74
CA ALA D 154 9.23 -0.51 -21.93
C ALA D 154 8.01 -1.34 -22.27
N PRO D 155 6.89 -1.12 -21.54
CA PRO D 155 5.70 -1.83 -21.95
C PRO D 155 5.14 -1.23 -23.25
N PRO D 156 4.41 -2.04 -24.03
CA PRO D 156 3.86 -1.55 -25.31
C PRO D 156 2.74 -0.52 -25.12
N VAL D 157 2.71 0.52 -25.97
CA VAL D 157 1.58 1.44 -26.01
C VAL D 157 0.50 0.76 -26.85
N PRO D 158 -0.79 0.99 -26.50
CA PRO D 158 -1.92 0.54 -27.32
C PRO D 158 -1.79 0.81 -28.82
N GLY D 159 -2.10 -0.20 -29.64
N GLY E 3 -34.99 7.90 19.69
CA GLY E 3 -34.88 8.75 18.46
C GLY E 3 -35.41 8.01 17.24
N MET E 4 -34.81 8.32 16.09
CA MET E 4 -35.20 7.73 14.81
C MET E 4 -34.54 6.37 14.57
N ARG E 5 -35.28 5.44 13.98
CA ARG E 5 -34.64 4.42 13.16
C ARG E 5 -34.08 5.12 11.90
N VAL E 6 -32.79 4.91 11.61
CA VAL E 6 -32.13 5.49 10.45
C VAL E 6 -31.40 4.40 9.61
N TYR E 7 -31.87 4.20 8.37
CA TYR E 7 -31.25 3.29 7.40
C TYR E 7 -30.08 3.97 6.66
N LEU E 8 -28.89 3.38 6.73
CA LEU E 8 -27.72 4.00 6.10
C LEU E 8 -27.20 3.13 4.97
N GLY E 9 -26.74 3.80 3.92
CA GLY E 9 -26.17 3.14 2.75
C GLY E 9 -25.02 3.98 2.22
N ALA E 10 -23.97 3.31 1.77
CA ALA E 10 -22.81 4.00 1.24
C ALA E 10 -21.97 3.11 0.31
N ASP E 11 -21.32 3.74 -0.66
CA ASP E 11 -20.22 3.11 -1.36
C ASP E 11 -18.91 3.46 -0.63
N HIS E 12 -17.81 2.99 -1.17
CA HIS E 12 -16.49 3.14 -0.58
C HIS E 12 -16.12 4.58 -0.28
N ALA E 13 -16.64 5.52 -1.07
CA ALA E 13 -16.32 6.94 -0.96
C ALA E 13 -17.00 7.61 0.22
N GLY E 14 -18.10 7.02 0.68
CA GLY E 14 -18.81 7.49 1.86
C GLY E 14 -18.66 6.56 3.03
N TYR E 15 -17.92 5.46 2.85
CA TYR E 15 -17.85 4.38 3.84
C TYR E 15 -17.35 4.79 5.24
N GLU E 16 -16.21 5.47 5.28
CA GLU E 16 -15.61 5.86 6.57
C GLU E 16 -16.51 6.86 7.29
N LEU E 17 -17.16 7.75 6.55
CA LEU E 17 -18.10 8.73 7.12
C LEU E 17 -19.34 8.03 7.65
N LYS E 18 -19.86 7.06 6.91
CA LYS E 18 -21.02 6.27 7.34
C LYS E 18 -20.78 5.63 8.72
N GLN E 19 -19.60 5.06 8.90
CA GLN E 19 -19.22 4.41 10.13
C GLN E 19 -19.16 5.45 11.26
N ARG E 20 -18.57 6.61 11.02
CA ARG E 20 -18.60 7.74 11.97
C ARG E 20 -20.03 8.15 12.29
N ILE E 21 -20.91 8.21 11.27
CA ILE E 21 -22.32 8.59 11.50
C ILE E 21 -23.08 7.55 12.31
N ILE E 22 -22.86 6.28 12.02
CA ILE E 22 -23.50 5.20 12.80
C ILE E 22 -23.14 5.35 14.29
N GLU E 23 -21.87 5.57 14.57
CA GLU E 23 -21.41 5.73 15.95
C GLU E 23 -22.07 6.97 16.59
N HIS E 24 -22.09 8.08 15.86
CA HIS E 24 -22.71 9.32 16.34
C HIS E 24 -24.21 9.12 16.62
N LEU E 25 -24.93 8.45 15.72
CA LEU E 25 -26.36 8.20 15.88
C LEU E 25 -26.65 7.30 17.09
N LYS E 26 -25.79 6.32 17.33
CA LYS E 26 -25.92 5.51 18.53
C LYS E 26 -25.83 6.39 19.77
N GLN E 27 -24.79 7.23 19.82
CA GLN E 27 -24.52 8.10 20.97
C GLN E 27 -25.61 9.14 21.23
N THR E 28 -26.37 9.51 20.19
CA THR E 28 -27.42 10.51 20.32
C THR E 28 -28.81 9.88 20.38
N GLY E 29 -28.89 8.59 20.66
CA GLY E 29 -30.16 7.94 20.99
C GLY E 29 -30.93 7.29 19.84
N HIS E 30 -30.41 7.37 18.61
CA HIS E 30 -31.08 6.81 17.43
C HIS E 30 -30.73 5.35 17.18
N GLU E 31 -31.40 4.73 16.21
CA GLU E 31 -31.17 3.34 15.85
C GLU E 31 -30.68 3.28 14.39
N PRO E 32 -29.37 3.46 14.18
CA PRO E 32 -28.82 3.29 12.84
C PRO E 32 -28.87 1.83 12.37
N ILE E 33 -29.31 1.60 11.13
CA ILE E 33 -29.35 0.26 10.54
C ILE E 33 -28.50 0.35 9.30
N ASP E 34 -27.42 -0.45 9.27
CA ASP E 34 -26.43 -0.34 8.21
C ASP E 34 -26.79 -1.26 7.05
N CYS E 35 -27.10 -0.69 5.90
CA CYS E 35 -27.44 -1.47 4.69
C CYS E 35 -26.21 -1.85 3.85
N GLY E 36 -25.05 -1.39 4.28
CA GLY E 36 -23.79 -1.56 3.56
C GLY E 36 -23.44 -0.33 2.75
N ALA E 37 -22.21 -0.24 2.22
CA ALA E 37 -21.16 -1.27 2.35
C ALA E 37 -20.76 -1.56 3.79
N LEU E 38 -20.63 -2.84 4.12
CA LEU E 38 -20.25 -3.24 5.48
C LEU E 38 -18.73 -3.18 5.67
N ARG E 39 -17.99 -3.17 4.57
CA ARG E 39 -16.54 -3.01 4.59
C ARG E 39 -16.09 -2.08 3.46
N TYR E 40 -14.90 -1.51 3.61
CA TYR E 40 -14.31 -0.72 2.52
C TYR E 40 -13.91 -1.60 1.33
N ASP E 41 -14.47 -1.29 0.18
CA ASP E 41 -14.11 -1.94 -1.07
C ASP E 41 -14.04 -0.79 -2.09
N ALA E 42 -12.83 -0.41 -2.45
CA ALA E 42 -12.56 0.78 -3.28
C ALA E 42 -13.23 0.80 -4.64
N ASP E 43 -13.68 -0.36 -5.10
CA ASP E 43 -14.29 -0.53 -6.41
C ASP E 43 -15.80 -0.75 -6.39
N ASP E 44 -16.41 -0.76 -5.21
CA ASP E 44 -17.82 -1.11 -5.11
C ASP E 44 -18.72 0.00 -5.67
N ASP E 45 -19.97 -0.39 -5.91
CA ASP E 45 -20.90 0.35 -6.74
C ASP E 45 -22.06 0.86 -5.90
N TYR E 46 -22.19 2.18 -5.83
CA TYR E 46 -23.20 2.81 -4.95
C TYR E 46 -24.71 2.36 -5.13
N PRO E 47 -25.20 2.10 -6.36
CA PRO E 47 -26.68 1.90 -6.49
C PRO E 47 -27.36 0.88 -5.55
N ALA E 48 -26.85 -0.33 -5.46
CA ALA E 48 -27.48 -1.38 -4.63
C ALA E 48 -27.70 -0.94 -3.18
N PHE E 49 -26.69 -0.27 -2.60
CA PHE E 49 -26.75 0.14 -1.21
C PHE E 49 -27.77 1.26 -0.97
N CYS E 50 -27.95 2.13 -1.96
CA CYS E 50 -28.84 3.27 -1.85
C CYS E 50 -30.27 2.84 -2.08
N ILE E 51 -30.46 1.97 -3.07
CA ILE E 51 -31.75 1.40 -3.35
C ILE E 51 -32.22 0.64 -2.12
N ALA E 52 -31.31 -0.09 -1.48
CA ALA E 52 -31.63 -0.81 -0.25
C ALA E 52 -32.08 0.12 0.89
N ALA E 53 -31.23 1.09 1.23
CA ALA E 53 -31.55 2.08 2.25
C ALA E 53 -32.89 2.81 1.96
N ALA E 54 -33.07 3.25 0.72
CA ALA E 54 -34.29 3.97 0.35
C ALA E 54 -35.54 3.10 0.42
N THR E 55 -35.45 1.87 -0.08
CA THR E 55 -36.59 0.96 -0.07
C THR E 55 -37.01 0.65 1.36
N ARG E 56 -36.04 0.37 2.23
CA ARG E 56 -36.33 0.06 3.64
C ARG E 56 -36.91 1.26 4.38
N THR E 57 -36.42 2.46 4.09
CA THR E 57 -36.92 3.70 4.69
C THR E 57 -38.40 3.90 4.32
N VAL E 58 -38.72 3.75 3.03
CA VAL E 58 -40.08 3.96 2.57
C VAL E 58 -41.01 2.89 3.16
N ALA E 59 -40.53 1.66 3.29
CA ALA E 59 -41.32 0.56 3.86
C ALA E 59 -41.48 0.65 5.39
N ASP E 60 -40.82 1.61 6.02
CA ASP E 60 -40.82 1.76 7.47
C ASP E 60 -41.16 3.21 7.88
N PRO E 61 -42.45 3.59 7.78
CA PRO E 61 -42.87 4.97 8.08
C PRO E 61 -42.40 5.47 9.46
N GLY E 62 -41.97 6.72 9.50
CA GLY E 62 -41.37 7.30 10.71
C GLY E 62 -39.85 7.19 10.73
N SER E 63 -39.30 6.30 9.90
CA SER E 63 -37.85 6.14 9.78
C SER E 63 -37.28 7.18 8.82
N LEU E 64 -35.97 7.37 8.91
CA LEU E 64 -35.26 8.18 7.97
C LEU E 64 -34.10 7.35 7.41
N GLY E 65 -33.45 7.88 6.38
CA GLY E 65 -32.35 7.24 5.71
C GLY E 65 -31.27 8.22 5.34
N ILE E 66 -30.02 7.75 5.33
CA ILE E 66 -28.90 8.55 4.90
C ILE E 66 -28.02 7.75 3.93
N VAL E 67 -27.74 8.32 2.77
CA VAL E 67 -26.91 7.66 1.77
C VAL E 67 -25.67 8.50 1.49
N LEU E 68 -24.51 7.83 1.39
CA LEU E 68 -23.23 8.53 1.28
C LEU E 68 -22.38 8.03 0.12
N GLY E 69 -21.74 8.97 -0.57
CA GLY E 69 -20.71 8.69 -1.56
C GLY E 69 -19.73 9.84 -1.53
N GLY E 70 -19.03 10.05 -2.64
CA GLY E 70 -18.06 11.14 -2.71
C GLY E 70 -18.69 12.53 -2.61
N SER E 71 -19.57 12.84 -3.57
CA SER E 71 -20.41 14.05 -3.54
C SER E 71 -21.76 13.78 -2.87
N GLY E 72 -22.21 12.54 -2.92
CA GLY E 72 -23.52 12.17 -2.48
C GLY E 72 -24.54 12.18 -3.63
N ASN E 73 -24.18 12.71 -4.81
CA ASN E 73 -25.14 12.86 -5.90
C ASN E 73 -25.61 11.57 -6.59
N GLY E 74 -24.68 10.65 -6.87
CA GLY E 74 -25.06 9.35 -7.39
C GLY E 74 -26.03 8.66 -6.46
N GLU E 75 -25.84 8.86 -5.16
CA GLU E 75 -26.55 8.15 -4.13
C GLU E 75 -27.98 8.68 -3.92
N GLN E 76 -28.13 10.00 -3.97
CA GLN E 76 -29.48 10.59 -3.94
C GLN E 76 -30.26 10.25 -5.20
N ILE E 77 -29.56 10.20 -6.34
CA ILE E 77 -30.17 9.91 -7.63
C ILE E 77 -30.75 8.50 -7.62
N ALA E 78 -29.94 7.55 -7.16
CA ALA E 78 -30.36 6.18 -6.99
C ALA E 78 -31.54 6.04 -6.00
N ALA E 79 -31.44 6.69 -4.84
CA ALA E 79 -32.49 6.64 -3.83
C ALA E 79 -33.78 7.19 -4.40
N ASN E 80 -33.69 8.27 -5.18
CA ASN E 80 -34.87 8.82 -5.82
C ASN E 80 -35.55 7.96 -6.87
N LYS E 81 -34.87 6.95 -7.40
CA LYS E 81 -35.53 6.03 -8.35
C LYS E 81 -36.45 5.04 -7.62
N VAL E 82 -36.29 4.93 -6.30
CA VAL E 82 -37.14 4.06 -5.50
C VAL E 82 -38.55 4.67 -5.31
N PRO E 83 -39.60 3.93 -5.69
CA PRO E 83 -40.98 4.46 -5.55
C PRO E 83 -41.29 4.99 -4.15
N GLY E 84 -41.83 6.20 -4.06
CA GLY E 84 -42.17 6.82 -2.78
C GLY E 84 -41.02 7.50 -2.03
N ALA E 85 -39.78 7.36 -2.50
CA ALA E 85 -38.64 7.97 -1.84
C ALA E 85 -38.42 9.40 -2.31
N ARG E 86 -38.06 10.26 -1.35
CA ARG E 86 -37.64 11.63 -1.59
C ARG E 86 -36.29 11.82 -0.91
N CYS E 87 -35.25 11.89 -1.72
CA CYS E 87 -33.89 12.04 -1.21
C CYS E 87 -33.25 13.37 -1.63
N ALA E 88 -33.04 14.26 -0.67
CA ALA E 88 -32.37 15.54 -0.89
C ALA E 88 -30.85 15.30 -0.84
N LEU E 89 -30.07 16.20 -1.43
CA LEU E 89 -28.64 16.32 -1.15
C LEU E 89 -28.44 17.37 -0.06
N ALA E 90 -27.93 16.94 1.08
CA ALA E 90 -27.70 17.84 2.20
C ALA E 90 -26.21 18.18 2.24
N TRP E 91 -25.90 19.45 1.99
CA TRP E 91 -24.52 19.94 2.05
C TRP E 91 -24.30 21.01 3.14
N SER E 92 -25.29 21.23 3.97
CA SER E 92 -25.25 22.23 5.03
C SER E 92 -26.34 21.90 6.03
N VAL E 93 -26.23 22.46 7.23
CA VAL E 93 -27.29 22.35 8.21
C VAL E 93 -28.63 22.89 7.62
N GLN E 94 -28.56 24.02 6.91
CA GLN E 94 -29.73 24.64 6.30
C GLN E 94 -30.43 23.74 5.27
N THR E 95 -29.66 23.13 4.37
CA THR E 95 -30.23 22.24 3.37
C THR E 95 -30.78 20.95 4.00
N ALA E 96 -30.11 20.44 5.04
CA ALA E 96 -30.64 19.28 5.78
C ALA E 96 -32.00 19.60 6.40
N ALA E 97 -32.10 20.79 6.96
CA ALA E 97 -33.30 21.23 7.64
C ALA E 97 -34.43 21.46 6.63
N LEU E 98 -34.13 22.20 5.55
CA LEU E 98 -35.12 22.47 4.51
C LEU E 98 -35.62 21.18 3.84
N ALA E 99 -34.73 20.19 3.69
CA ALA E 99 -35.14 18.90 3.12
C ALA E 99 -36.28 18.24 3.90
N ARG E 100 -36.23 18.31 5.24
CA ARG E 100 -37.32 17.83 6.09
C ARG E 100 -38.53 18.79 6.12
N GLU E 101 -38.27 20.06 6.40
CA GLU E 101 -39.30 21.10 6.53
C GLU E 101 -40.19 21.27 5.29
N HIS E 102 -39.55 21.42 4.13
CA HIS E 102 -40.25 21.66 2.86
C HIS E 102 -40.55 20.40 2.06
N ASN E 103 -39.54 19.55 1.89
CA ASN E 103 -39.66 18.42 0.95
C ASN E 103 -40.11 17.10 1.59
N ASN E 104 -40.25 17.10 2.92
CA ASN E 104 -40.49 15.88 3.69
C ASN E 104 -39.61 14.71 3.23
N ALA E 105 -38.33 15.01 2.98
CA ALA E 105 -37.40 14.01 2.46
C ALA E 105 -37.15 13.00 3.58
N GLN E 106 -37.38 11.74 3.30
CA GLN E 106 -37.09 10.69 4.26
C GLN E 106 -35.59 10.35 4.27
N LEU E 107 -34.91 10.74 3.19
CA LEU E 107 -33.50 10.52 2.98
C LEU E 107 -32.78 11.77 2.53
N ILE E 108 -31.52 11.82 2.94
CA ILE E 108 -30.55 12.72 2.38
C ILE E 108 -29.30 11.96 1.92
N GLY E 109 -28.69 12.51 0.88
CA GLY E 109 -27.35 12.15 0.47
C GLY E 109 -26.38 13.15 1.06
N ILE E 110 -25.23 12.63 1.51
CA ILE E 110 -24.11 13.43 1.99
C ILE E 110 -22.85 12.98 1.25
N GLY E 111 -22.06 13.95 0.80
CA GLY E 111 -20.76 13.71 0.21
C GLY E 111 -19.65 13.56 1.26
N GLY E 112 -19.12 12.35 1.37
CA GLY E 112 -17.93 12.09 2.20
C GLY E 112 -16.66 12.87 1.84
N ARG E 113 -16.52 13.29 0.59
CA ARG E 113 -15.37 14.09 0.18
C ARG E 113 -15.56 15.61 0.39
N MET E 114 -16.71 16.05 0.90
CA MET E 114 -17.08 17.47 0.85
C MET E 114 -17.00 18.22 2.17
N HIS E 115 -16.89 17.48 3.27
CA HIS E 115 -17.05 18.05 4.59
C HIS E 115 -16.04 17.47 5.57
N THR E 116 -15.72 18.26 6.59
CA THR E 116 -15.07 17.73 7.77
C THR E 116 -16.08 16.81 8.43
N VAL E 117 -15.61 15.97 9.35
CA VAL E 117 -16.51 15.09 10.10
C VAL E 117 -17.47 15.89 10.98
N ALA E 118 -16.98 16.94 11.64
CA ALA E 118 -17.84 17.81 12.44
C ALA E 118 -18.97 18.43 11.59
N GLU E 119 -18.61 18.88 10.38
CA GLU E 119 -19.55 19.47 9.44
C GLU E 119 -20.62 18.44 9.04
N ALA E 120 -20.20 17.22 8.71
CA ALA E 120 -21.13 16.13 8.36
C ALA E 120 -22.07 15.78 9.52
N LEU E 121 -21.54 15.68 10.73
CA LEU E 121 -22.38 15.36 11.88
C LEU E 121 -23.41 16.46 12.18
N ALA E 122 -23.02 17.72 12.00
CA ALA E 122 -23.95 18.85 12.10
C ALA E 122 -25.14 18.67 11.13
N ILE E 123 -24.81 18.27 9.90
CA ILE E 123 -25.78 18.01 8.84
C ILE E 123 -26.71 16.88 9.28
N VAL E 124 -26.12 15.77 9.74
CA VAL E 124 -26.92 14.65 10.26
C VAL E 124 -27.87 15.06 11.39
N ASP E 125 -27.32 15.79 12.37
CA ASP E 125 -28.13 16.31 13.49
C ASP E 125 -29.33 17.12 12.98
N ALA E 126 -29.09 18.02 12.03
CA ALA E 126 -30.14 18.87 11.51
C ALA E 126 -31.21 18.01 10.84
N PHE E 127 -30.76 16.99 10.13
CA PHE E 127 -31.66 16.13 9.38
C PHE E 127 -32.54 15.27 10.28
N VAL E 128 -31.94 14.67 11.31
CA VAL E 128 -32.71 13.79 12.20
C VAL E 128 -33.54 14.54 13.24
N THR E 129 -33.25 15.83 13.48
CA THR E 129 -34.01 16.63 14.47
C THR E 129 -35.04 17.60 13.89
N THR E 130 -34.90 17.97 12.62
CA THR E 130 -35.84 18.95 12.01
C THR E 130 -37.17 18.28 11.62
N PRO E 131 -38.28 18.79 12.16
CA PRO E 131 -39.57 18.22 11.77
C PRO E 131 -40.02 18.58 10.35
N TRP E 132 -40.77 17.68 9.74
CA TRP E 132 -41.64 17.96 8.60
C TRP E 132 -42.71 19.03 8.97
N SER E 133 -42.72 20.16 8.24
CA SER E 133 -43.61 21.27 8.56
C SER E 133 -45.10 20.92 8.48
N LYS E 134 -45.43 20.03 7.54
CA LYS E 134 -46.84 19.72 7.15
C LYS E 134 -47.58 20.91 6.50
N ALA E 135 -46.87 21.94 6.05
CA ALA E 135 -47.49 23.11 5.46
C ALA E 135 -48.24 22.68 4.17
N GLN E 136 -49.42 23.24 3.98
CA GLN E 136 -50.31 22.89 2.85
C GLN E 136 -49.61 22.86 1.50
N ARG E 137 -48.80 23.87 1.19
CA ARG E 137 -48.23 24.00 -0.17
C ARG E 137 -47.19 22.91 -0.46
N HIS E 138 -46.41 22.57 0.58
CA HIS E 138 -45.42 21.51 0.52
C HIS E 138 -46.10 20.16 0.32
N GLN E 139 -47.16 19.88 1.09
CA GLN E 139 -47.91 18.64 0.89
C GLN E 139 -48.54 18.55 -0.53
N ARG E 140 -49.08 19.68 -1.01
CA ARG E 140 -49.66 19.74 -2.33
C ARG E 140 -48.63 19.35 -3.39
N ARG E 141 -47.42 19.88 -3.23
CA ARG E 141 -46.32 19.65 -4.17
C ARG E 141 -45.84 18.20 -4.11
N ILE E 142 -45.65 17.69 -2.90
CA ILE E 142 -45.34 16.26 -2.67
C ILE E 142 -46.39 15.34 -3.29
N ASP E 143 -47.67 15.71 -3.17
CA ASP E 143 -48.74 14.88 -3.72
C ASP E 143 -48.72 14.88 -5.26
N ILE E 144 -48.39 16.02 -5.86
CA ILE E 144 -48.30 16.11 -7.32
C ILE E 144 -47.19 15.15 -7.78
N LEU E 145 -46.05 15.17 -7.09
CA LEU E 145 -44.95 14.30 -7.45
C LEU E 145 -45.30 12.83 -7.31
N ALA E 146 -45.99 12.47 -6.22
CA ALA E 146 -46.41 11.09 -5.97
C ALA E 146 -47.35 10.59 -7.05
N GLU E 147 -48.24 11.46 -7.51
CA GLU E 147 -49.16 11.17 -8.61
C GLU E 147 -48.43 10.92 -9.93
N TYR E 148 -47.42 11.73 -10.22
CA TYR E 148 -46.60 11.49 -11.40
C TYR E 148 -45.86 10.13 -11.30
N GLU E 149 -45.33 9.80 -10.14
CA GLU E 149 -44.66 8.51 -9.94
C GLU E 149 -45.60 7.36 -10.25
N ARG E 150 -46.85 7.52 -9.84
CA ARG E 150 -47.86 6.48 -9.99
C ARG E 150 -48.20 6.21 -11.46
N THR E 151 -48.32 7.26 -12.26
CA THR E 151 -48.87 7.19 -13.62
C THR E 151 -47.86 7.53 -14.73
N HIS E 152 -46.75 8.17 -14.36
CA HIS E 152 -45.79 8.77 -15.29
C HIS E 152 -46.42 9.61 -16.38
N GLU E 153 -47.55 10.22 -16.03
CA GLU E 153 -48.21 11.20 -16.86
C GLU E 153 -47.81 12.59 -16.38
N ALA E 154 -47.06 13.30 -17.23
CA ALA E 154 -46.53 14.63 -16.88
C ALA E 154 -47.66 15.58 -16.57
N PRO E 155 -47.62 16.23 -15.38
CA PRO E 155 -48.66 17.25 -15.12
C PRO E 155 -48.54 18.47 -16.03
N PRO E 156 -49.66 19.18 -16.24
CA PRO E 156 -49.62 20.32 -17.15
C PRO E 156 -48.76 21.46 -16.58
N VAL E 157 -48.11 22.21 -17.45
CA VAL E 157 -47.30 23.34 -17.01
C VAL E 157 -48.11 24.64 -17.13
N PRO E 158 -48.18 25.43 -16.03
CA PRO E 158 -48.80 26.75 -16.07
C PRO E 158 -47.99 27.73 -16.94
N GLY E 159 -48.68 28.43 -17.84
O2 R10 F . -3.45 -21.38 3.13
C5 R10 F . -2.97 -20.36 4.15
O1 R10 F . -2.59 -20.90 5.20
O3 R10 F . -2.87 -18.10 4.99
C3 R10 F . -5.01 -18.82 4.01
O4 R10 F . -5.66 -19.77 4.88
C2 R10 F . -5.58 -19.09 2.60
O5 R10 F . -5.03 -18.18 1.64
C1 R10 F . -7.10 -19.04 2.56
C4 R10 F . -3.46 -18.94 4.01
O6 R10 F . -7.62 -19.32 1.26
P1 R10 F . -9.16 -19.04 0.87
O9 R10 F . -9.95 -19.91 1.80
O7 R10 F . -9.15 -19.49 -0.56
O8 R10 F . -9.54 -17.62 1.11
S SO4 G . 9.27 -0.48 14.77
O1 SO4 G . 9.54 -1.46 15.83
O2 SO4 G . 10.47 0.30 14.45
O3 SO4 G . 8.83 -1.21 13.57
O4 SO4 G . 8.19 0.38 15.23
O2 R10 H . 16.76 -26.74 10.61
C5 R10 H . 16.81 -25.20 10.41
O1 R10 H . 16.16 -24.68 9.51
O3 R10 H . 17.10 -23.02 11.35
C3 R10 H . 18.98 -24.66 11.42
O4 R10 H . 19.45 -24.84 10.07
C2 R10 H . 19.37 -25.91 12.24
O5 R10 H . 18.93 -25.76 13.59
C1 R10 H . 20.86 -26.18 12.23
C4 R10 H . 17.46 -24.41 11.49
O6 R10 H . 21.17 -27.29 13.09
P1 R10 H . 22.72 -27.69 13.34
O9 R10 H . 23.35 -27.89 12.01
O7 R10 H . 22.63 -28.97 14.14
O8 R10 H . 23.28 -26.54 14.13
O2 R10 I . -3.29 12.61 -11.99
C5 R10 I . -2.22 11.91 -12.59
O1 R10 I . -1.29 12.53 -13.06
O3 R10 I . -1.03 9.87 -13.09
C3 R10 I . -3.43 9.94 -13.54
O4 R10 I . -3.55 10.77 -14.74
C2 R10 I . -4.75 9.93 -12.79
O5 R10 I . -4.66 9.11 -11.61
C1 R10 I . -5.90 9.44 -13.66
C4 R10 I . -2.29 10.40 -12.64
O6 R10 I . -7.10 9.36 -12.88
P1 R10 I . -8.47 8.87 -13.53
O9 R10 I . -8.67 9.71 -14.77
O7 R10 I . -9.49 9.08 -12.43
O8 R10 I . -8.26 7.41 -13.85
S SO4 J . 18.48 -2.95 -12.14
O1 SO4 J . 18.63 -1.58 -12.61
O2 SO4 J . 19.26 -3.15 -10.92
O3 SO4 J . 17.07 -3.21 -11.89
O4 SO4 J . 18.96 -3.89 -13.16
O2 R10 K . 14.90 23.60 -6.49
C5 R10 K . 15.23 22.28 -6.08
O1 R10 K . 14.30 21.50 -5.78
O3 R10 K . 16.63 20.40 -6.66
C3 R10 K . 17.66 22.45 -5.71
O4 R10 K . 17.11 22.67 -4.40
C2 R10 K . 18.13 23.82 -6.21
O5 R10 K . 18.62 23.73 -7.55
C1 R10 K . 19.22 24.44 -5.32
C4 R10 K . 16.57 21.83 -6.61
O6 R10 K . 19.56 25.72 -5.86
P1 R10 K . 20.80 26.57 -5.27
O9 R10 K . 20.44 26.85 -3.84
O7 R10 K . 20.92 27.82 -6.10
O8 R10 K . 22.01 25.67 -5.45
O2 R10 L . -19.52 11.04 -5.58
C5 R10 L . -20.80 10.36 -5.75
O1 R10 L . -21.47 10.43 -4.72
O3 R10 L . -22.09 8.53 -6.64
C3 R10 L . -19.71 8.12 -6.23
O4 R10 L . -19.54 8.01 -4.81
C2 R10 L . -18.38 8.44 -6.90
O5 R10 L . -18.59 8.53 -8.30
C1 R10 L . -17.33 7.35 -6.65
C4 R10 L . -20.81 9.16 -6.65
O6 R10 L . -16.11 7.69 -7.32
P1 R10 L . -14.80 6.74 -7.27
O9 R10 L . -14.59 6.51 -5.80
O7 R10 L . -13.77 7.59 -7.98
O8 R10 L . -15.19 5.48 -7.95
#